data_4EN2
#
_entry.id   4EN2
#
_cell.length_a   88.033
_cell.length_b   98.128
_cell.length_c   112.740
_cell.angle_alpha   90.00
_cell.angle_beta   90.00
_cell.angle_gamma   90.00
#
_symmetry.space_group_name_H-M   'P 21 21 21'
#
loop_
_entity.id
_entity.type
_entity.pdbx_description
1 polymer 'AP-1 complex subunit mu-1'
2 polymer 'Protein Nef'
3 polymer MHC-I
4 water water
#
loop_
_entity_poly.entity_id
_entity_poly.type
_entity_poly.pdbx_seq_one_letter_code
_entity_poly.pdbx_strand_id
1 'polypeptide(L)'
;SWRSEGIKYRKNEVFLDVIEAVNLLVSANGNVLRSEIVGSIKMRVFLSGMPELRLGLNDKVLFDNTGRGKSKSVELEDVK
FHQCVRLSRFENDRTISFIPPDGEFELMSYRLNTHVKPLIWIESVIEKHSHSRIEYMVKAKSQFKRRSTANNVEIHIPVP
NDADSPKFKTTVGSVKWVPENSEIVWSVKSFPGGKEYLMRAHFGLPSVEAEDKEGKPPISVKFEIPYFTTSGIQVRYLKI
IEKSGYQALPWVRYITQNGDYQLRTQ
;
M,A
2 'polypeptide(L)'
;MGGKWSKSSVIGWPAVRERMRRAEPAADGVGAVSRDLEKHGAITSSNTAANNAACAWLEAQEEEEVGFPVTPQVPLRPMT
YKAAVDLSHFLKEKGGLEGLIHSQRRQDILDLWIYHTQGYFPDWQNYTPGPGVRYPLTFGWCYKLVPVEPDKVEEANKGE
NTSLLHPVSLHGMDDPEREVLEWRFDSRLAFHHVARELHPEYFKNC
;
B,C
3 'polypeptide(L)' DRKGGSYSQAAGSDSAQGSDVSLTACKV D,E
#
# COMPACT_ATOMS: atom_id res chain seq x y z
N SER A 1 0.34 8.67 50.87
CA SER A 1 -0.03 8.99 52.28
C SER A 1 -1.50 8.78 52.56
N TRP A 2 -1.81 7.96 53.59
CA TRP A 2 -3.19 7.78 54.09
C TRP A 2 -3.67 9.08 54.62
N ARG A 3 -4.83 9.55 54.17
CA ARG A 3 -5.17 10.92 54.50
C ARG A 3 -5.76 11.03 55.90
N SER A 4 -4.91 11.55 56.77
CA SER A 4 -5.35 12.11 58.02
C SER A 4 -6.01 13.45 57.74
N GLU A 5 -6.69 13.95 58.77
CA GLU A 5 -7.49 15.15 58.64
C GLU A 5 -6.58 16.36 58.51
N GLY A 6 -7.14 17.44 57.94
CA GLY A 6 -6.46 18.70 57.86
C GLY A 6 -5.21 18.69 56.98
N ILE A 7 -5.17 17.79 55.99
CA ILE A 7 -4.25 17.99 54.87
C ILE A 7 -4.70 19.30 54.22
N LYS A 8 -3.78 20.12 53.77
CA LYS A 8 -4.16 21.40 53.18
C LYS A 8 -3.27 21.80 52.05
N TYR A 9 -3.90 22.29 51.00
CA TYR A 9 -3.20 22.79 49.83
C TYR A 9 -3.73 24.14 49.46
N ARG A 10 -2.82 24.96 48.97
CA ARG A 10 -3.16 26.24 48.39
C ARG A 10 -4.19 26.01 47.32
N LYS A 11 -3.90 25.02 46.49
CA LYS A 11 -4.71 24.73 45.33
C LYS A 11 -5.13 23.28 45.34
N ASN A 12 -6.43 23.07 45.31
CA ASN A 12 -6.96 21.73 45.37
C ASN A 12 -7.07 21.18 43.98
N GLU A 13 -6.27 20.16 43.69
CA GLU A 13 -6.32 19.55 42.38
C GLU A 13 -5.97 18.08 42.34
N VAL A 14 -6.50 17.44 41.28
CA VAL A 14 -6.20 16.06 40.99
C VAL A 14 -5.69 15.95 39.59
N PHE A 15 -4.73 15.07 39.40
CA PHE A 15 -4.24 14.70 38.08
C PHE A 15 -4.44 13.21 37.90
N LEU A 16 -5.06 12.83 36.79
CA LEU A 16 -5.16 11.42 36.42
C LEU A 16 -4.43 11.11 35.16
N ASP A 17 -3.82 9.95 35.19
CA ASP A 17 -3.03 9.48 34.11
C ASP A 17 -3.60 8.15 33.77
N VAL A 18 -4.16 8.08 32.57
CA VAL A 18 -4.67 6.82 32.05
C VAL A 18 -3.57 6.26 31.18
N ILE A 19 -2.93 5.20 31.68
CA ILE A 19 -1.85 4.54 30.98
C ILE A 19 -2.33 3.21 30.49
N GLU A 20 -2.06 2.97 29.22
CA GLU A 20 -2.39 1.67 28.61
C GLU A 20 -1.18 1.05 27.99
N ALA A 21 -0.88 -0.15 28.46
CA ALA A 21 0.16 -0.98 27.88
C ALA A 21 -0.45 -1.90 26.85
N VAL A 22 0.23 -2.09 25.73
CA VAL A 22 -0.21 -3.04 24.69
C VAL A 22 0.63 -4.30 24.57
N ASN A 23 0.03 -5.43 24.89
CA ASN A 23 0.68 -6.70 24.65
C ASN A 23 0.30 -7.20 23.30
N LEU A 24 1.29 -7.72 22.58
CA LEU A 24 1.09 -8.17 21.21
C LEU A 24 2.04 -9.29 20.90
N LEU A 25 1.49 -10.34 20.32
CA LEU A 25 2.29 -11.45 19.82
C LEU A 25 1.83 -11.76 18.41
N VAL A 26 2.73 -11.59 17.46
CA VAL A 26 2.48 -11.92 16.06
C VAL A 26 3.33 -13.11 15.68
N SER A 27 2.83 -13.90 14.75
CA SER A 27 3.60 -15.02 14.24
C SER A 27 4.42 -14.65 13.02
N ALA A 28 5.40 -15.49 12.72
CA ALA A 28 6.24 -15.32 11.54
C ALA A 28 5.36 -15.00 10.33
N ASN A 29 4.28 -15.78 10.19
CA ASN A 29 3.27 -15.56 9.13
C ASN A 29 2.45 -14.26 9.22
N GLY A 30 2.67 -13.49 10.28
CA GLY A 30 1.90 -12.27 10.54
C GLY A 30 0.58 -12.48 11.27
N ASN A 31 0.34 -13.71 11.73
CA ASN A 31 -0.94 -13.99 12.42
C ASN A 31 -0.84 -13.52 13.85
N VAL A 32 -1.76 -12.63 14.22
CA VAL A 32 -1.79 -12.12 15.61
C VAL A 32 -2.24 -13.21 16.56
N LEU A 33 -1.29 -13.72 17.33
CA LEU A 33 -1.53 -14.82 18.25
C LEU A 33 -2.18 -14.28 19.49
N ARG A 34 -1.72 -13.13 19.96
CA ARG A 34 -2.45 -12.49 21.03
C ARG A 34 -2.18 -11.01 21.18
N SER A 35 -3.15 -10.36 21.79
CA SER A 35 -3.38 -8.96 21.60
C SER A 35 -4.33 -8.48 22.64
N GLU A 36 -3.82 -7.55 23.44
CA GLU A 36 -4.37 -7.27 24.72
C GLU A 36 -3.90 -5.92 25.25
N ILE A 37 -4.82 -5.22 25.91
CA ILE A 37 -4.53 -3.94 26.56
C ILE A 37 -4.60 -4.12 28.05
N VAL A 38 -3.59 -3.61 28.71
CA VAL A 38 -3.53 -3.66 30.13
C VAL A 38 -3.38 -2.23 30.55
N GLY A 39 -4.39 -1.74 31.24
CA GLY A 39 -4.49 -0.32 31.47
C GLY A 39 -4.47 -0.05 32.94
N SER A 40 -4.13 1.18 33.30
CA SER A 40 -4.31 1.59 34.65
C SER A 40 -4.50 3.09 34.81
N ILE A 41 -5.12 3.50 35.91
CA ILE A 41 -5.29 4.91 36.20
C ILE A 41 -4.47 5.30 37.41
N LYS A 42 -3.50 6.16 37.17
CA LYS A 42 -2.69 6.69 38.23
C LYS A 42 -3.25 8.03 38.57
N MET A 43 -3.36 8.27 39.86
CA MET A 43 -3.80 9.52 40.36
C MET A 43 -2.70 10.16 41.19
N ARG A 44 -2.58 11.48 41.03
CA ARG A 44 -1.78 12.31 41.91
C ARG A 44 -2.77 13.30 42.52
N VAL A 45 -3.04 13.13 43.81
CA VAL A 45 -4.11 13.87 44.49
C VAL A 45 -3.58 14.94 45.44
N PHE A 46 -3.87 16.18 45.07
CA PHE A 46 -3.52 17.32 45.88
C PHE A 46 -4.76 18.05 46.40
N LEU A 47 -5.37 17.43 47.40
CA LEU A 47 -6.64 17.84 47.94
C LEU A 47 -6.65 18.09 49.44
N SER A 48 -7.16 19.26 49.79
CA SER A 48 -7.33 19.66 51.18
C SER A 48 -8.43 18.88 51.87
N GLY A 49 -8.16 18.59 53.13
CA GLY A 49 -9.18 18.06 54.00
C GLY A 49 -9.44 16.61 53.77
N MET A 50 -10.68 16.33 53.40
CA MET A 50 -11.17 14.96 53.48
C MET A 50 -12.26 14.67 52.44
N PRO A 51 -11.93 14.85 51.15
CA PRO A 51 -12.93 14.75 50.11
C PRO A 51 -13.33 13.35 49.64
N GLU A 52 -14.50 13.36 49.04
CA GLU A 52 -15.18 12.18 48.57
C GLU A 52 -15.15 12.32 47.06
N LEU A 53 -14.61 11.30 46.39
CA LEU A 53 -14.51 11.35 44.94
C LEU A 53 -15.34 10.30 44.26
N ARG A 54 -15.84 10.68 43.10
CA ARG A 54 -16.60 9.77 42.26
C ARG A 54 -16.12 9.87 40.82
N LEU A 55 -15.64 8.74 40.29
CA LEU A 55 -15.05 8.70 38.94
C LEU A 55 -16.01 8.15 37.92
N GLY A 56 -16.21 8.97 36.90
CA GLY A 56 -17.11 8.68 35.81
C GLY A 56 -16.33 8.28 34.57
N LEU A 57 -16.53 7.03 34.16
CA LEU A 57 -15.96 6.50 32.91
C LEU A 57 -17.02 6.05 31.94
N ASN A 58 -16.66 5.98 30.65
CA ASN A 58 -17.54 5.35 29.66
C ASN A 58 -17.53 3.84 29.77
N ASP A 59 -17.81 3.40 30.97
CA ASP A 59 -17.86 1.99 31.28
C ASP A 59 -19.08 1.37 30.62
N LYS A 60 -18.89 0.30 29.90
CA LYS A 60 -20.01 -0.30 29.18
C LYS A 60 -21.15 -0.82 30.05
N VAL A 61 -20.79 -1.53 31.11
CA VAL A 61 -21.78 -2.12 31.98
C VAL A 61 -22.63 -1.03 32.63
N LEU A 62 -21.96 0.05 32.95
CA LEU A 62 -22.64 1.21 33.55
C LEU A 62 -23.60 1.84 32.57
N PHE A 63 -23.16 1.99 31.34
CA PHE A 63 -23.99 2.59 30.33
C PHE A 63 -25.17 1.71 30.07
N ASP A 64 -24.89 0.43 29.84
CA ASP A 64 -25.97 -0.57 29.65
C ASP A 64 -27.00 -0.51 30.79
N ASN A 65 -26.55 -0.39 32.02
CA ASN A 65 -27.47 -0.29 33.15
C ASN A 65 -28.11 1.06 33.41
N THR A 66 -27.63 2.11 32.76
CA THR A 66 -28.21 3.41 33.03
C THR A 66 -28.87 3.95 31.79
N GLY A 67 -29.32 3.05 30.94
CA GLY A 67 -30.10 3.42 29.76
C GLY A 67 -29.26 4.05 28.66
N ARG A 68 -27.96 3.88 28.75
CA ARG A 68 -27.05 4.53 27.81
C ARG A 68 -26.28 3.56 26.95
N GLY A 69 -26.82 2.35 26.83
CA GLY A 69 -26.22 1.29 26.02
C GLY A 69 -26.05 1.64 24.58
N LYS A 70 -26.92 2.48 24.04
CA LYS A 70 -26.82 2.93 22.66
C LYS A 70 -25.54 3.73 22.43
N SER A 71 -24.96 4.23 23.50
CA SER A 71 -23.76 5.03 23.45
C SER A 71 -22.47 4.21 23.48
N LYS A 72 -21.41 4.79 22.90
CA LYS A 72 -20.08 4.16 22.81
C LYS A 72 -19.40 4.09 24.16
N SER A 73 -19.09 2.88 24.55
CA SER A 73 -18.45 2.63 25.82
C SER A 73 -17.25 1.70 25.65
N VAL A 74 -16.70 1.27 26.77
CA VAL A 74 -15.58 0.38 26.79
C VAL A 74 -15.85 -0.73 27.77
N GLU A 75 -15.60 -1.95 27.31
CA GLU A 75 -15.88 -3.11 28.11
C GLU A 75 -14.68 -3.54 28.95
N LEU A 76 -14.69 -3.13 30.20
CA LEU A 76 -13.56 -3.37 31.10
C LEU A 76 -13.56 -4.80 31.59
N GLU A 77 -12.38 -5.38 31.72
CA GLU A 77 -12.26 -6.75 32.22
C GLU A 77 -11.24 -6.79 33.35
N ASP A 78 -11.38 -7.78 34.22
CA ASP A 78 -10.42 -7.98 35.30
C ASP A 78 -10.06 -6.63 35.98
N VAL A 79 -11.12 -5.92 36.36
CA VAL A 79 -10.94 -4.64 36.98
C VAL A 79 -10.47 -4.87 38.40
N LYS A 80 -9.53 -4.04 38.82
CA LYS A 80 -9.01 -4.11 40.18
C LYS A 80 -8.81 -2.71 40.71
N PHE A 81 -9.12 -2.54 41.97
CA PHE A 81 -9.17 -1.22 42.57
C PHE A 81 -8.23 -1.09 43.72
N HIS A 82 -7.72 0.09 43.87
CA HIS A 82 -7.03 0.45 45.05
C HIS A 82 -7.97 0.25 46.20
N GLN A 83 -7.43 0.13 47.40
CA GLN A 83 -8.28 -0.20 48.58
C GLN A 83 -9.25 0.91 48.99
N CYS A 84 -8.97 2.16 48.68
CA CYS A 84 -9.90 3.24 49.00
C CYS A 84 -11.26 3.13 48.30
N VAL A 85 -11.31 2.36 47.22
CA VAL A 85 -12.54 2.28 46.44
C VAL A 85 -13.50 1.36 47.16
N ARG A 86 -14.77 1.76 47.10
CA ARG A 86 -15.84 1.06 47.78
C ARG A 86 -16.43 0.07 46.80
N LEU A 87 -16.03 -1.18 47.01
CA LEU A 87 -16.33 -2.25 46.11
C LEU A 87 -17.81 -2.51 46.00
N SER A 88 -18.52 -2.30 47.10
CA SER A 88 -19.95 -2.59 47.14
C SER A 88 -20.68 -1.66 46.18
N ARG A 89 -20.29 -0.40 46.18
CA ARG A 89 -20.91 0.58 45.32
C ARG A 89 -20.64 0.26 43.87
N PHE A 90 -19.41 -0.14 43.60
CA PHE A 90 -19.08 -0.53 42.25
C PHE A 90 -19.87 -1.79 41.87
N GLU A 91 -19.92 -2.73 42.78
CA GLU A 91 -20.67 -3.96 42.53
C GLU A 91 -22.12 -3.62 42.29
N ASN A 92 -22.69 -2.74 43.10
CA ASN A 92 -24.13 -2.50 43.04
C ASN A 92 -24.53 -1.79 41.77
N ASP A 93 -23.98 -0.62 41.57
CA ASP A 93 -24.39 0.21 40.46
C ASP A 93 -23.20 0.76 39.68
N ARG A 94 -22.03 0.15 39.88
CA ARG A 94 -20.88 0.44 39.04
C ARG A 94 -20.29 1.79 39.35
N THR A 95 -20.59 2.28 40.56
CA THR A 95 -20.05 3.55 41.01
C THR A 95 -18.61 3.36 41.44
N ILE A 96 -17.77 4.32 41.10
CA ILE A 96 -16.41 4.35 41.60
C ILE A 96 -16.24 5.45 42.62
N SER A 97 -16.23 5.03 43.87
CA SER A 97 -16.39 5.94 44.99
C SER A 97 -15.30 5.72 45.97
N PHE A 98 -14.67 6.80 46.39
CA PHE A 98 -13.54 6.66 47.25
C PHE A 98 -13.12 7.97 47.86
N ILE A 99 -12.63 7.85 49.11
CA ILE A 99 -11.82 8.90 49.71
C ILE A 99 -10.36 8.61 49.38
N PRO A 100 -9.74 9.49 48.60
CA PRO A 100 -8.37 9.27 48.13
C PRO A 100 -7.31 9.43 49.20
N PRO A 101 -6.18 8.73 49.04
CA PRO A 101 -4.98 9.07 49.74
C PRO A 101 -4.44 10.39 49.28
N ASP A 102 -3.54 10.92 50.08
CA ASP A 102 -2.76 12.04 49.60
C ASP A 102 -1.61 11.57 48.73
N GLY A 103 -1.29 12.39 47.75
CA GLY A 103 -0.23 12.09 46.82
C GLY A 103 -0.60 11.05 45.79
N GLU A 104 0.35 10.19 45.50
CA GLU A 104 0.34 9.43 44.27
C GLU A 104 -0.07 8.01 44.50
N PHE A 105 -0.77 7.43 43.54
CA PHE A 105 -1.21 6.05 43.69
C PHE A 105 -2.01 5.60 42.48
N GLU A 106 -2.21 4.28 42.41
CA GLU A 106 -2.92 3.68 41.31
C GLU A 106 -4.30 3.32 41.74
N LEU A 107 -5.28 4.04 41.20
CA LEU A 107 -6.69 3.86 41.52
C LEU A 107 -7.21 2.53 41.02
N MET A 108 -6.99 2.27 39.74
CA MET A 108 -7.51 1.04 39.14
C MET A 108 -6.67 0.48 38.02
N SER A 109 -6.94 -0.77 37.75
CA SER A 109 -6.29 -1.44 36.70
C SER A 109 -7.32 -2.32 36.03
N TYR A 110 -7.10 -2.58 34.75
CA TYR A 110 -8.04 -3.29 33.93
C TYR A 110 -7.39 -3.90 32.71
N ARG A 111 -8.15 -4.75 32.03
CA ARG A 111 -7.80 -5.34 30.76
C ARG A 111 -8.86 -5.17 29.70
N LEU A 112 -8.39 -5.32 28.46
CA LEU A 112 -9.23 -5.59 27.32
C LEU A 112 -8.53 -6.65 26.50
N ASN A 113 -9.21 -7.74 26.15
CA ASN A 113 -8.61 -8.69 25.19
C ASN A 113 -9.01 -8.38 23.77
N THR A 114 -9.10 -7.10 23.40
CA THR A 114 -9.48 -6.71 22.05
C THR A 114 -8.35 -6.84 21.02
N HIS A 115 -8.74 -7.08 19.77
CA HIS A 115 -7.81 -7.38 18.71
C HIS A 115 -7.88 -6.40 17.58
N VAL A 116 -7.34 -5.20 17.81
CA VAL A 116 -7.13 -4.21 16.76
C VAL A 116 -5.72 -4.37 16.17
N LYS A 117 -5.50 -3.75 15.02
CA LYS A 117 -4.19 -3.85 14.35
C LYS A 117 -3.06 -3.45 15.28
N PRO A 118 -1.88 -4.02 15.04
CA PRO A 118 -0.73 -3.58 15.78
C PRO A 118 -0.41 -2.16 15.43
N LEU A 119 -0.15 -1.38 16.46
CA LEU A 119 0.10 0.03 16.31
C LEU A 119 1.29 0.22 15.42
N ILE A 120 2.29 -0.62 15.67
CA ILE A 120 3.54 -0.56 14.97
C ILE A 120 3.89 -1.93 14.42
N TRP A 121 4.12 -1.93 13.11
CA TRP A 121 4.30 -3.16 12.38
C TRP A 121 5.71 -3.25 11.86
N ILE A 122 6.36 -4.38 12.14
CA ILE A 122 7.69 -4.66 11.61
C ILE A 122 7.79 -5.86 10.68
N GLU A 123 8.35 -5.55 9.51
CA GLU A 123 8.76 -6.52 8.51
C GLU A 123 10.27 -6.54 8.45
N SER A 124 10.81 -7.74 8.56
CA SER A 124 12.23 -7.89 8.42
C SER A 124 12.54 -9.01 7.46
N VAL A 125 13.24 -8.65 6.39
CA VAL A 125 13.61 -9.55 5.34
C VAL A 125 15.12 -9.75 5.35
N ILE A 126 15.53 -11.02 5.24
CA ILE A 126 16.95 -11.38 5.28
C ILE A 126 17.45 -11.88 3.92
N GLU A 127 18.36 -11.13 3.34
CA GLU A 127 18.98 -11.46 2.05
C GLU A 127 20.50 -11.68 2.21
N LYS A 128 21.14 -12.24 1.19
CA LYS A 128 22.62 -12.42 1.19
C LYS A 128 23.30 -11.24 0.51
N HIS A 129 24.01 -10.44 1.31
CA HIS A 129 24.62 -9.17 0.83
C HIS A 129 25.89 -9.32 -0.01
N SER A 130 26.81 -10.16 0.46
CA SER A 130 28.03 -10.48 -0.29
C SER A 130 28.70 -11.60 0.46
N HIS A 131 29.31 -12.55 -0.25
CA HIS A 131 30.12 -13.59 0.39
C HIS A 131 29.41 -14.26 1.55
N SER A 132 30.11 -14.45 2.67
CA SER A 132 29.41 -14.69 3.93
C SER A 132 29.25 -13.34 4.61
N ARG A 133 28.58 -12.47 3.87
CA ARG A 133 28.01 -11.26 4.41
C ARG A 133 26.51 -11.39 4.23
N ILE A 134 25.79 -11.10 5.31
CA ILE A 134 24.34 -11.21 5.33
C ILE A 134 23.64 -9.87 5.55
N GLU A 135 22.53 -9.70 4.86
CA GLU A 135 21.80 -8.44 4.90
C GLU A 135 20.37 -8.54 5.42
N TYR A 136 20.05 -7.60 6.30
CA TYR A 136 18.71 -7.41 6.86
C TYR A 136 18.10 -6.13 6.26
N MET A 137 16.97 -6.29 5.58
CA MET A 137 16.16 -5.16 5.16
C MET A 137 14.96 -5.13 6.09
N VAL A 138 14.72 -4.00 6.75
CA VAL A 138 13.56 -3.95 7.61
C VAL A 138 12.67 -2.75 7.39
N LYS A 139 11.37 -2.99 7.40
CA LYS A 139 10.41 -1.90 7.29
C LYS A 139 9.68 -1.75 8.60
N ALA A 140 9.52 -0.51 9.04
CA ALA A 140 8.66 -0.24 10.19
C ALA A 140 7.54 0.70 9.83
N LYS A 141 6.30 0.31 10.13
CA LYS A 141 5.21 1.25 9.88
C LYS A 141 4.30 1.52 11.06
N SER A 142 3.95 2.77 11.21
CA SER A 142 3.06 3.18 12.22
C SER A 142 1.66 3.08 11.66
N GLN A 143 0.83 2.28 12.31
CA GLN A 143 -0.51 2.07 11.87
C GLN A 143 -1.51 2.85 12.70
N PHE A 144 -1.03 3.71 13.57
CA PHE A 144 -1.92 4.59 14.32
C PHE A 144 -2.15 5.93 13.61
N LYS A 145 -3.16 6.66 14.07
CA LYS A 145 -3.60 7.91 13.44
C LYS A 145 -2.47 8.87 13.10
N ARG A 146 -2.49 9.42 11.91
CA ARG A 146 -1.49 10.38 11.48
C ARG A 146 -1.31 11.51 12.47
N ARG A 147 -2.37 11.91 13.15
CA ARG A 147 -2.27 13.09 14.02
C ARG A 147 -1.54 12.78 15.32
N SER A 148 -1.37 11.50 15.60
CA SER A 148 -0.56 11.00 16.73
C SER A 148 0.90 10.61 16.40
N THR A 149 1.74 10.64 17.44
CA THR A 149 3.19 10.36 17.33
C THR A 149 3.68 9.46 18.47
N ALA A 150 4.33 8.37 18.12
CA ALA A 150 5.05 7.60 19.12
C ALA A 150 6.34 8.31 19.43
N ASN A 151 6.82 8.14 20.65
CA ASN A 151 8.11 8.66 21.03
C ASN A 151 8.98 7.54 21.53
N ASN A 152 10.28 7.72 21.29
CA ASN A 152 11.31 6.84 21.78
C ASN A 152 10.96 5.41 21.53
N VAL A 153 10.71 5.18 20.27
CA VAL A 153 10.44 3.86 19.82
C VAL A 153 11.78 3.17 19.58
N GLU A 154 11.85 1.94 20.04
CA GLU A 154 13.04 1.13 19.91
C GLU A 154 12.65 -0.21 19.39
N ILE A 155 13.26 -0.56 18.27
CA ILE A 155 12.99 -1.84 17.65
C ILE A 155 14.15 -2.77 17.83
N HIS A 156 13.92 -3.79 18.63
CA HIS A 156 14.96 -4.73 18.94
C HIS A 156 14.88 -5.85 17.97
N ILE A 157 15.91 -5.96 17.13
CA ILE A 157 15.98 -7.03 16.13
C ILE A 157 17.11 -7.99 16.47
N PRO A 158 16.76 -9.24 16.75
CA PRO A 158 17.80 -10.20 17.01
C PRO A 158 18.56 -10.47 15.75
N VAL A 159 19.86 -10.59 15.90
CA VAL A 159 20.75 -11.05 14.85
C VAL A 159 21.56 -12.24 15.37
N PRO A 160 22.26 -12.98 14.48
CA PRO A 160 22.97 -14.17 14.95
C PRO A 160 24.12 -13.87 15.83
N ASN A 161 24.39 -14.79 16.73
CA ASN A 161 25.38 -14.62 17.78
C ASN A 161 26.77 -14.42 17.19
N ASP A 162 27.05 -15.10 16.10
CA ASP A 162 28.39 -14.98 15.43
C ASP A 162 28.55 -13.89 14.34
N ALA A 163 27.53 -13.08 14.11
CA ALA A 163 27.69 -12.00 13.15
C ALA A 163 28.71 -10.99 13.63
N ASP A 164 29.25 -10.22 12.70
CA ASP A 164 30.18 -9.16 13.02
C ASP A 164 30.17 -8.06 11.99
N SER A 165 30.87 -6.99 12.31
CA SER A 165 31.16 -5.93 11.35
C SER A 165 29.89 -5.36 10.78
N PRO A 166 28.94 -5.03 11.63
CA PRO A 166 27.73 -4.55 11.07
C PRO A 166 27.95 -3.28 10.33
N LYS A 167 27.25 -3.12 9.22
CA LYS A 167 27.09 -1.83 8.66
C LYS A 167 25.62 -1.52 8.46
N PHE A 168 25.24 -0.26 8.71
CA PHE A 168 23.83 0.14 8.72
C PHE A 168 23.55 1.35 7.86
N LYS A 169 22.36 1.39 7.30
CA LYS A 169 21.89 2.60 6.63
C LYS A 169 20.38 2.73 6.81
N THR A 170 19.97 3.85 7.38
CA THR A 170 18.55 4.11 7.57
C THR A 170 18.11 5.49 7.11
N THR A 171 16.89 5.51 6.58
CA THR A 171 16.21 6.75 6.24
C THR A 171 16.12 7.62 7.53
N VAL A 172 15.52 7.05 8.56
CA VAL A 172 15.24 7.76 9.81
C VAL A 172 15.77 7.08 11.11
N GLY A 173 16.06 7.92 12.10
CA GLY A 173 16.47 7.42 13.41
C GLY A 173 17.88 6.91 13.38
N SER A 174 18.17 5.98 14.26
CA SER A 174 19.52 5.47 14.40
C SER A 174 19.61 4.03 14.84
N VAL A 175 20.68 3.38 14.41
CA VAL A 175 20.90 1.99 14.76
C VAL A 175 22.20 1.72 15.43
N LYS A 176 22.15 0.74 16.31
CA LYS A 176 23.35 0.28 16.93
C LYS A 176 23.28 -1.20 17.11
N TRP A 177 24.45 -1.73 17.34
CA TRP A 177 24.62 -3.12 17.52
C TRP A 177 24.90 -3.38 18.98
N VAL A 178 24.27 -4.42 19.47
CA VAL A 178 24.42 -4.84 20.83
C VAL A 178 24.76 -6.32 20.81
N PRO A 179 26.04 -6.63 20.73
CA PRO A 179 26.52 -8.00 20.67
C PRO A 179 26.18 -8.74 21.92
N GLU A 180 26.33 -8.08 23.05
CA GLU A 180 26.06 -8.76 24.31
C GLU A 180 24.69 -9.39 24.21
N ASN A 181 23.69 -8.62 23.83
CA ASN A 181 22.30 -9.13 23.65
C ASN A 181 22.09 -9.75 22.29
N SER A 182 23.12 -9.69 21.46
CA SER A 182 23.13 -10.38 20.18
C SER A 182 21.96 -9.91 19.32
N GLU A 183 21.83 -8.59 19.25
CA GLU A 183 20.73 -7.97 18.57
C GLU A 183 21.12 -6.61 18.07
N ILE A 184 20.30 -6.11 17.16
CA ILE A 184 20.39 -4.70 16.81
C ILE A 184 19.13 -3.93 17.22
N VAL A 185 19.35 -2.67 17.58
CA VAL A 185 18.32 -1.81 18.12
C VAL A 185 18.23 -0.54 17.26
N TRP A 186 17.06 -0.41 16.65
CA TRP A 186 16.73 0.72 15.82
C TRP A 186 15.90 1.67 16.64
N SER A 187 16.46 2.85 16.87
CA SER A 187 15.79 3.83 17.69
C SER A 187 15.26 4.96 16.86
N VAL A 188 14.05 5.40 17.21
CA VAL A 188 13.36 6.49 16.53
C VAL A 188 12.71 7.40 17.57
N LYS A 189 13.34 8.53 17.82
CA LYS A 189 12.96 9.45 18.88
C LYS A 189 11.52 9.80 18.73
N SER A 190 11.09 9.97 17.50
CA SER A 190 9.77 10.44 17.22
C SER A 190 9.24 9.89 15.90
N PHE A 191 8.15 9.14 16.02
CA PHE A 191 7.58 8.32 14.94
C PHE A 191 6.07 8.62 14.73
N PRO A 192 5.77 9.52 13.77
CA PRO A 192 4.39 9.85 13.47
C PRO A 192 3.62 8.66 12.96
N GLY A 193 2.31 8.75 13.15
CA GLY A 193 1.42 7.73 12.65
C GLY A 193 1.34 7.81 11.15
N GLY A 194 0.93 6.69 10.56
CA GLY A 194 0.79 6.59 9.11
C GLY A 194 2.11 6.79 8.38
N LYS A 195 3.19 6.25 8.95
CA LYS A 195 4.51 6.34 8.33
C LYS A 195 5.12 4.99 8.09
N GLU A 196 6.04 4.98 7.13
CA GLU A 196 6.78 3.80 6.82
C GLU A 196 8.22 4.20 6.74
N TYR A 197 9.04 3.50 7.49
CA TYR A 197 10.44 3.84 7.51
C TYR A 197 11.22 2.59 7.23
N LEU A 198 12.40 2.79 6.65
CA LEU A 198 13.22 1.66 6.23
C LEU A 198 14.61 1.73 6.76
N MET A 199 15.07 0.58 7.24
CA MET A 199 16.46 0.44 7.65
C MET A 199 17.05 -0.81 7.04
N ARG A 200 18.32 -0.67 6.66
CA ARG A 200 19.13 -1.76 6.12
C ARG A 200 20.37 -1.95 6.93
N ALA A 201 20.67 -3.22 7.18
CA ALA A 201 21.83 -3.59 7.98
C ALA A 201 22.49 -4.81 7.41
N HIS A 202 23.81 -4.84 7.37
CA HIS A 202 24.49 -6.07 6.99
C HIS A 202 25.71 -6.30 7.82
N PHE A 203 26.04 -7.58 7.88
CA PHE A 203 27.03 -8.14 8.74
C PHE A 203 27.90 -9.12 8.03
N GLY A 204 29.13 -9.24 8.50
CA GLY A 204 29.93 -10.41 8.21
C GLY A 204 29.46 -11.62 9.02
N LEU A 205 29.51 -12.78 8.38
CA LEU A 205 29.65 -14.07 9.05
C LEU A 205 30.95 -14.73 8.59
N LYS A 216 14.67 -17.94 16.11
CA LYS A 216 15.34 -17.09 17.10
C LYS A 216 14.32 -16.35 18.01
N PRO A 217 14.79 -15.44 18.89
CA PRO A 217 13.84 -14.63 19.65
C PRO A 217 13.02 -13.81 18.70
N PRO A 218 11.92 -13.23 19.20
CA PRO A 218 11.18 -12.39 18.32
C PRO A 218 11.73 -10.99 18.32
N ILE A 219 11.36 -10.27 17.29
CA ILE A 219 11.52 -8.84 17.30
C ILE A 219 10.63 -8.31 18.39
N SER A 220 11.14 -7.31 19.12
CA SER A 220 10.28 -6.62 20.09
C SER A 220 10.43 -5.13 19.92
N VAL A 221 9.40 -4.39 20.30
CA VAL A 221 9.44 -2.94 20.17
C VAL A 221 8.96 -2.22 21.40
N LYS A 222 9.64 -1.13 21.68
CA LYS A 222 9.24 -0.25 22.77
C LYS A 222 8.80 1.08 22.22
N PHE A 223 7.79 1.66 22.85
CA PHE A 223 7.29 2.93 22.43
C PHE A 223 6.38 3.52 23.45
N GLU A 224 6.13 4.79 23.27
CA GLU A 224 5.13 5.50 24.02
C GLU A 224 4.39 6.46 23.09
N ILE A 225 3.06 6.47 23.14
CA ILE A 225 2.26 7.45 22.43
C ILE A 225 1.46 8.29 23.41
N PRO A 226 1.81 9.57 23.55
CA PRO A 226 1.01 10.36 24.46
C PRO A 226 -0.23 10.82 23.75
N TYR A 227 -1.20 11.32 24.51
CA TYR A 227 -2.42 11.92 23.93
C TYR A 227 -3.17 10.93 23.12
N PHE A 228 -3.40 9.77 23.70
CA PHE A 228 -3.79 8.64 22.90
C PHE A 228 -4.15 7.46 23.74
N THR A 229 -5.28 6.83 23.42
CA THR A 229 -5.60 5.47 23.91
C THR A 229 -6.01 4.52 22.81
N THR A 230 -5.83 3.25 23.10
CA THR A 230 -6.22 2.19 22.20
C THR A 230 -7.63 1.78 22.47
N SER A 231 -7.94 1.65 23.75
CA SER A 231 -9.22 1.14 24.19
C SER A 231 -10.36 2.09 23.97
N GLY A 232 -10.03 3.38 23.94
CA GLY A 232 -11.04 4.41 23.77
C GLY A 232 -11.73 4.75 25.07
N ILE A 233 -11.08 4.39 26.16
CA ILE A 233 -11.55 4.72 27.48
C ILE A 233 -11.51 6.23 27.62
N GLN A 234 -12.51 6.76 28.34
CA GLN A 234 -12.58 8.19 28.65
C GLN A 234 -13.02 8.39 30.10
N VAL A 235 -12.38 9.34 30.77
CA VAL A 235 -12.90 9.74 32.03
C VAL A 235 -13.84 10.87 31.70
N ARG A 236 -15.10 10.60 31.96
CA ARG A 236 -16.16 11.54 31.69
C ARG A 236 -16.15 12.68 32.67
N TYR A 237 -16.02 12.32 33.94
CA TYR A 237 -15.93 13.31 35.01
C TYR A 237 -15.27 12.70 36.23
N LEU A 238 -14.71 13.59 37.02
CA LEU A 238 -14.36 13.28 38.38
C LEU A 238 -15.01 14.27 39.34
N LYS A 239 -15.93 13.75 40.13
CA LYS A 239 -16.63 14.51 41.14
C LYS A 239 -15.85 14.52 42.45
N ILE A 240 -15.76 15.73 43.02
CA ILE A 240 -15.08 15.98 44.29
C ILE A 240 -16.02 16.70 45.27
N ILE A 241 -16.37 15.99 46.34
CA ILE A 241 -17.32 16.52 47.33
C ILE A 241 -16.61 16.66 48.66
N GLU A 242 -16.18 17.88 48.97
CA GLU A 242 -15.71 18.18 50.32
C GLU A 242 -16.62 19.13 51.09
N LYS A 243 -16.60 18.95 52.40
CA LYS A 243 -17.53 19.61 53.34
C LYS A 243 -17.45 21.12 53.36
N SER A 244 -16.25 21.67 53.30
CA SER A 244 -16.08 23.11 53.02
C SER A 244 -16.97 23.48 51.84
N GLY A 245 -16.83 22.70 50.77
CA GLY A 245 -17.44 23.02 49.50
C GLY A 245 -16.45 23.94 48.81
N TYR A 246 -15.30 23.38 48.50
CA TYR A 246 -14.24 24.14 47.93
C TYR A 246 -14.16 24.01 46.43
N GLN A 247 -13.27 24.81 45.90
CA GLN A 247 -12.93 24.76 44.51
C GLN A 247 -11.86 23.69 44.32
N ALA A 248 -12.26 22.58 43.71
CA ALA A 248 -11.30 21.57 43.28
C ALA A 248 -11.31 21.41 41.78
N LEU A 249 -10.15 21.10 41.19
CA LEU A 249 -10.02 20.82 39.73
C LEU A 249 -9.39 19.46 39.43
N PRO A 250 -10.04 18.66 38.60
CA PRO A 250 -9.43 17.46 38.05
C PRO A 250 -8.83 17.63 36.65
N TRP A 251 -7.71 16.96 36.45
CA TRP A 251 -6.99 17.00 35.20
C TRP A 251 -6.69 15.63 34.72
N VAL A 252 -6.70 15.45 33.40
CA VAL A 252 -6.55 14.12 32.87
C VAL A 252 -5.69 14.05 31.63
N ARG A 253 -4.92 12.97 31.54
CA ARG A 253 -4.25 12.65 30.30
C ARG A 253 -4.14 11.17 30.09
N TYR A 254 -3.90 10.83 28.82
CA TYR A 254 -3.96 9.47 28.33
C TYR A 254 -2.67 9.14 27.60
N ILE A 255 -2.00 8.10 28.09
CA ILE A 255 -0.75 7.66 27.49
C ILE A 255 -0.85 6.21 27.12
N THR A 256 -0.53 5.89 25.88
CA THR A 256 -0.36 4.51 25.48
C THR A 256 1.11 4.20 25.41
N GLN A 257 1.45 2.95 25.71
CA GLN A 257 2.82 2.48 25.62
C GLN A 257 2.87 0.98 25.44
N ASN A 258 4.06 0.46 25.23
CA ASN A 258 4.17 -0.93 24.82
C ASN A 258 3.83 -1.98 25.81
N GLY A 259 4.42 -2.02 26.96
CA GLY A 259 4.38 -3.35 27.58
C GLY A 259 5.01 -4.43 26.70
N ASP A 260 4.28 -5.49 26.40
CA ASP A 260 4.93 -6.70 25.84
C ASP A 260 4.68 -7.04 24.36
N TYR A 261 5.47 -6.42 23.52
CA TYR A 261 5.10 -6.23 22.14
C TYR A 261 6.08 -6.97 21.24
N GLN A 262 5.69 -8.16 20.82
CA GLN A 262 6.63 -9.07 20.09
C GLN A 262 6.16 -9.60 18.77
N LEU A 263 7.01 -9.46 17.76
CA LEU A 263 6.76 -10.02 16.45
C LEU A 263 7.73 -11.17 16.22
N ARG A 264 7.19 -12.35 15.94
CA ARG A 264 8.02 -13.50 15.63
C ARG A 264 8.61 -13.45 14.24
N THR A 265 9.86 -13.90 14.16
CA THR A 265 10.64 -13.81 12.93
C THR A 265 10.40 -15.07 12.12
N GLN A 266 10.43 -16.20 12.82
CA GLN A 266 10.03 -17.53 12.30
C GLN A 266 10.52 -18.69 13.18
N SER B 6 12.37 -31.35 -34.86
CA SER B 6 11.61 -30.54 -33.86
C SER B 6 10.14 -30.47 -34.22
N LYS B 7 9.31 -30.96 -33.31
CA LYS B 7 7.86 -31.06 -33.53
C LYS B 7 7.19 -29.69 -33.36
N SER B 8 7.73 -28.89 -32.46
CA SER B 8 7.29 -27.53 -32.28
C SER B 8 7.23 -26.78 -33.60
N SER B 9 8.36 -26.72 -34.29
CA SER B 9 8.44 -26.01 -35.56
C SER B 9 7.55 -26.68 -36.61
N VAL B 10 7.86 -27.96 -36.85
CA VAL B 10 7.17 -28.81 -37.84
C VAL B 10 5.68 -28.55 -37.86
N ILE B 11 5.08 -28.60 -36.66
CA ILE B 11 3.62 -28.45 -36.48
C ILE B 11 3.21 -26.95 -36.52
N GLY B 12 4.08 -26.12 -35.95
CA GLY B 12 3.86 -24.68 -35.93
C GLY B 12 3.92 -24.01 -37.29
N TRP B 13 4.75 -24.52 -38.18
CA TRP B 13 5.07 -23.79 -39.41
C TRP B 13 3.98 -23.61 -40.41
N PRO B 14 3.23 -24.66 -40.70
CA PRO B 14 2.15 -24.48 -41.64
C PRO B 14 1.19 -23.38 -41.21
N ALA B 15 0.91 -23.34 -39.91
CA ALA B 15 0.02 -22.32 -39.38
C ALA B 15 0.63 -20.96 -39.74
N VAL B 16 1.86 -20.74 -39.29
CA VAL B 16 2.55 -19.49 -39.52
C VAL B 16 2.67 -19.19 -41.00
N ARG B 17 3.04 -20.19 -41.77
CA ARG B 17 3.19 -20.06 -43.18
C ARG B 17 1.94 -19.45 -43.80
N GLU B 18 0.80 -20.02 -43.46
CA GLU B 18 -0.48 -19.55 -43.96
C GLU B 18 -0.81 -18.14 -43.49
N ARG B 19 -0.66 -17.90 -42.20
CA ARG B 19 -0.78 -16.56 -41.62
C ARG B 19 0.05 -15.57 -42.46
N MET B 20 1.25 -15.98 -42.84
CA MET B 20 2.14 -15.13 -43.59
C MET B 20 1.54 -14.89 -44.97
N ARG B 21 1.06 -15.96 -45.59
CA ARG B 21 0.45 -15.84 -46.91
C ARG B 21 -0.77 -14.94 -46.93
N ARG B 22 -1.59 -15.08 -45.89
CA ARG B 22 -2.85 -14.38 -45.77
C ARG B 22 -2.56 -12.89 -45.63
N ALA B 23 -1.63 -12.57 -44.76
CA ALA B 23 -1.18 -11.20 -44.60
C ALA B 23 -0.94 -10.63 -45.95
N GLU B 24 -1.52 -9.48 -46.17
CA GLU B 24 -1.42 -8.88 -47.45
C GLU B 24 0.00 -8.43 -47.69
N PRO B 25 0.50 -8.68 -48.90
CA PRO B 25 1.84 -8.29 -49.25
C PRO B 25 2.07 -6.86 -48.85
N ALA B 26 1.02 -6.14 -48.44
CA ALA B 26 1.18 -4.76 -48.09
C ALA B 26 0.12 -4.30 -47.13
N GLU B 64 -3.95 -4.16 -29.23
CA GLU B 64 -4.95 -3.65 -28.25
C GLU B 64 -4.70 -4.05 -26.80
N GLU B 65 -3.98 -5.14 -26.58
CA GLU B 65 -3.58 -5.58 -25.25
C GLU B 65 -2.11 -5.31 -25.06
N VAL B 66 -1.81 -4.50 -24.06
CA VAL B 66 -0.47 -3.98 -23.90
C VAL B 66 0.49 -4.94 -23.22
N GLY B 67 1.76 -4.75 -23.57
CA GLY B 67 2.90 -5.29 -22.84
C GLY B 67 3.61 -6.46 -23.48
N PHE B 68 4.71 -6.78 -22.83
CA PHE B 68 5.62 -7.81 -23.30
C PHE B 68 5.85 -8.78 -22.20
N PRO B 69 5.01 -9.82 -22.17
CA PRO B 69 5.12 -10.85 -21.14
C PRO B 69 6.28 -11.74 -21.36
N VAL B 70 6.70 -12.39 -20.31
CA VAL B 70 7.79 -13.34 -20.38
C VAL B 70 7.30 -14.64 -19.79
N THR B 71 7.57 -15.73 -20.49
CA THR B 71 7.22 -17.06 -20.01
C THR B 71 8.22 -17.45 -18.94
N PRO B 72 7.72 -17.85 -17.80
CA PRO B 72 8.63 -18.12 -16.70
C PRO B 72 9.67 -19.15 -17.03
N GLN B 73 10.92 -18.74 -16.80
CA GLN B 73 12.10 -19.63 -16.74
C GLN B 73 12.66 -20.03 -18.07
N VAL B 74 11.87 -19.82 -19.11
CA VAL B 74 12.28 -20.08 -20.45
C VAL B 74 13.36 -19.07 -20.82
N PRO B 75 14.55 -19.56 -21.17
CA PRO B 75 15.63 -18.65 -21.43
C PRO B 75 15.49 -17.97 -22.77
N LEU B 76 15.91 -16.72 -22.80
CA LEU B 76 15.78 -15.91 -23.98
C LEU B 76 17.12 -15.42 -24.42
N ARG B 77 17.38 -15.56 -25.71
CA ARG B 77 18.68 -15.24 -26.23
C ARG B 77 18.64 -14.81 -27.67
N PRO B 78 19.70 -14.17 -28.11
CA PRO B 78 19.79 -13.85 -29.51
C PRO B 78 20.00 -15.11 -30.35
N MET B 79 19.52 -15.05 -31.59
CA MET B 79 19.71 -16.10 -32.56
C MET B 79 21.17 -16.47 -32.69
N THR B 80 21.41 -17.77 -32.76
CA THR B 80 22.76 -18.30 -33.02
C THR B 80 22.97 -18.71 -34.47
N TYR B 81 24.26 -18.82 -34.88
CA TYR B 81 24.63 -19.20 -36.25
C TYR B 81 24.01 -20.55 -36.59
N LYS B 82 24.25 -21.53 -35.74
CA LYS B 82 23.77 -22.87 -36.04
C LYS B 82 22.23 -22.91 -36.11
N ALA B 83 21.58 -22.11 -35.27
CA ALA B 83 20.13 -22.13 -35.20
C ALA B 83 19.54 -21.42 -36.43
N ALA B 84 20.21 -20.37 -36.85
CA ALA B 84 19.85 -19.62 -38.06
C ALA B 84 20.03 -20.50 -39.29
N VAL B 85 21.15 -21.22 -39.35
CA VAL B 85 21.38 -22.15 -40.43
C VAL B 85 20.35 -23.27 -40.45
N ASP B 86 20.13 -23.92 -39.32
CA ASP B 86 19.10 -24.98 -39.23
C ASP B 86 17.72 -24.55 -39.70
N LEU B 87 17.34 -23.37 -39.27
CA LEU B 87 16.02 -22.84 -39.56
C LEU B 87 15.91 -22.50 -41.04
N SER B 88 16.94 -21.86 -41.57
CA SER B 88 17.00 -21.58 -43.00
C SER B 88 16.68 -22.82 -43.76
N HIS B 89 17.32 -23.90 -43.37
CA HIS B 89 17.17 -25.17 -44.09
C HIS B 89 15.82 -25.77 -43.88
N PHE B 90 15.34 -25.69 -42.65
CA PHE B 90 14.02 -26.20 -42.35
C PHE B 90 12.97 -25.53 -43.21
N LEU B 91 13.01 -24.21 -43.25
CA LEU B 91 12.08 -23.45 -44.06
C LEU B 91 12.28 -23.74 -45.56
N LYS B 92 13.54 -23.84 -45.97
CA LYS B 92 13.86 -24.24 -47.34
C LYS B 92 13.25 -25.60 -47.68
N GLU B 93 13.54 -26.59 -46.84
CA GLU B 93 12.97 -27.94 -46.99
C GLU B 93 11.45 -27.93 -47.08
N LYS B 94 10.79 -27.33 -46.10
CA LYS B 94 9.33 -27.38 -46.01
C LYS B 94 8.63 -26.48 -46.99
N GLY B 95 9.36 -25.51 -47.52
CA GLY B 95 8.77 -24.56 -48.43
C GLY B 95 7.85 -23.58 -47.70
N GLY B 96 7.51 -22.51 -48.42
CA GLY B 96 6.63 -21.47 -47.90
C GLY B 96 7.25 -20.09 -47.92
N LEU B 97 8.56 -20.00 -47.73
CA LEU B 97 9.24 -18.71 -47.61
C LEU B 97 9.84 -18.28 -48.91
N GLU B 98 10.39 -19.24 -49.65
CA GLU B 98 11.08 -19.00 -50.91
C GLU B 98 10.13 -18.33 -51.88
N GLY B 99 10.53 -17.19 -52.40
CA GLY B 99 9.71 -16.44 -53.32
C GLY B 99 8.46 -15.76 -52.73
N LEU B 100 8.20 -15.94 -51.45
CA LEU B 100 7.18 -15.14 -50.79
C LEU B 100 7.60 -13.67 -50.87
N ILE B 101 6.66 -12.83 -51.24
CA ILE B 101 6.88 -11.41 -51.20
C ILE B 101 6.96 -10.94 -49.74
N HIS B 102 8.03 -10.21 -49.47
CA HIS B 102 8.33 -9.67 -48.16
C HIS B 102 7.48 -8.47 -47.79
N SER B 103 7.02 -8.47 -46.55
CA SER B 103 6.55 -7.25 -45.85
C SER B 103 6.99 -7.34 -44.40
N GLN B 104 7.03 -6.18 -43.74
CA GLN B 104 7.40 -6.19 -42.34
C GLN B 104 6.40 -7.03 -41.53
N ARG B 105 5.12 -6.92 -41.85
CA ARG B 105 4.09 -7.67 -41.13
C ARG B 105 4.38 -9.17 -41.19
N ARG B 106 4.66 -9.63 -42.40
CA ARG B 106 4.90 -11.04 -42.67
C ARG B 106 6.11 -11.50 -41.93
N GLN B 107 7.14 -10.67 -41.96
CA GLN B 107 8.36 -10.98 -41.28
C GLN B 107 8.09 -11.06 -39.80
N ASP B 108 7.36 -10.10 -39.31
CA ASP B 108 7.04 -10.03 -37.90
C ASP B 108 6.38 -11.29 -37.43
N ILE B 109 5.40 -11.76 -38.21
CA ILE B 109 4.75 -13.02 -37.90
C ILE B 109 5.78 -14.11 -37.70
N LEU B 110 6.74 -14.15 -38.60
CA LEU B 110 7.81 -15.15 -38.56
C LEU B 110 8.63 -14.98 -37.28
N ASP B 111 9.19 -13.79 -37.12
CA ASP B 111 10.10 -13.51 -36.01
C ASP B 111 9.45 -13.78 -34.66
N LEU B 112 8.17 -13.44 -34.53
CA LEU B 112 7.43 -13.60 -33.28
C LEU B 112 7.17 -15.06 -33.03
N TRP B 113 6.86 -15.78 -34.09
CA TRP B 113 6.73 -17.22 -34.02
C TRP B 113 7.97 -17.87 -33.44
N ILE B 114 9.11 -17.51 -33.96
CA ILE B 114 10.39 -18.02 -33.46
C ILE B 114 10.63 -17.58 -32.05
N TYR B 115 10.25 -16.36 -31.77
CA TYR B 115 10.36 -15.83 -30.44
C TYR B 115 9.56 -16.64 -29.42
N HIS B 116 8.28 -16.85 -29.68
CA HIS B 116 7.47 -17.59 -28.69
C HIS B 116 7.82 -19.05 -28.62
N THR B 117 7.97 -19.67 -29.78
CA THR B 117 8.28 -21.10 -29.86
C THR B 117 9.75 -21.46 -29.61
N GLN B 118 10.65 -20.51 -29.74
CA GLN B 118 12.11 -20.82 -29.66
C GLN B 118 12.97 -19.96 -28.75
N GLY B 119 12.47 -18.80 -28.37
CA GLY B 119 13.12 -18.04 -27.32
C GLY B 119 14.17 -17.14 -27.86
N TYR B 120 14.12 -16.94 -29.16
CA TYR B 120 15.05 -16.02 -29.81
C TYR B 120 14.46 -14.67 -29.95
N PHE B 121 15.11 -13.73 -29.30
CA PHE B 121 14.74 -12.33 -29.41
C PHE B 121 14.58 -12.03 -30.87
N PRO B 122 13.49 -11.40 -31.25
CA PRO B 122 13.22 -11.12 -32.65
C PRO B 122 13.94 -9.87 -33.15
N ASP B 123 15.23 -9.79 -32.90
CA ASP B 123 16.08 -8.74 -33.50
C ASP B 123 17.03 -9.32 -34.55
N TRP B 124 16.84 -10.56 -34.94
CA TRP B 124 17.84 -11.26 -35.78
C TRP B 124 17.59 -11.25 -37.25
N GLN B 125 16.36 -11.09 -37.69
CA GLN B 125 16.08 -11.09 -39.10
C GLN B 125 16.13 -9.67 -39.72
N ASN B 126 17.16 -8.90 -39.46
CA ASN B 126 17.31 -7.64 -40.19
C ASN B 126 18.23 -7.83 -41.37
N TYR B 127 18.03 -6.99 -42.37
CA TYR B 127 18.74 -7.12 -43.64
C TYR B 127 19.38 -5.85 -43.98
N THR B 128 20.41 -5.89 -44.79
CA THR B 128 21.12 -4.65 -45.14
C THR B 128 20.16 -3.72 -45.83
N PRO B 129 20.40 -2.43 -45.72
CA PRO B 129 19.52 -1.52 -46.42
C PRO B 129 19.76 -1.60 -47.91
N GLY B 130 18.72 -1.35 -48.66
CA GLY B 130 18.88 -1.36 -50.09
C GLY B 130 19.40 -0.03 -50.58
N PRO B 131 19.12 0.28 -51.84
CA PRO B 131 18.39 -0.61 -52.70
C PRO B 131 19.25 -1.76 -53.18
N GLY B 132 18.59 -2.74 -53.77
CA GLY B 132 19.23 -3.90 -54.35
C GLY B 132 18.85 -5.14 -53.57
N VAL B 133 19.73 -6.13 -53.61
CA VAL B 133 19.55 -7.28 -52.76
C VAL B 133 19.82 -6.81 -51.33
N ARG B 134 19.05 -7.39 -50.41
CA ARG B 134 19.22 -7.13 -48.99
C ARG B 134 19.75 -8.39 -48.36
N TYR B 135 20.92 -8.25 -47.75
CA TYR B 135 21.61 -9.35 -47.14
C TYR B 135 21.37 -9.38 -45.65
N PRO B 136 21.18 -10.56 -45.10
CA PRO B 136 20.91 -10.66 -43.69
C PRO B 136 22.08 -10.31 -42.81
N LEU B 137 21.77 -9.60 -41.74
CA LEU B 137 22.78 -9.22 -40.76
C LEU B 137 23.23 -10.38 -39.92
N THR B 138 22.34 -11.32 -39.69
CA THR B 138 22.69 -12.49 -38.89
C THR B 138 23.38 -13.56 -39.75
N PHE B 139 24.67 -13.77 -39.49
CA PHE B 139 25.45 -14.79 -40.18
C PHE B 139 24.86 -16.13 -39.78
N GLY B 140 24.48 -16.90 -40.79
CA GLY B 140 23.82 -18.20 -40.57
C GLY B 140 22.44 -18.25 -41.19
N TRP B 141 21.86 -17.07 -41.30
CA TRP B 141 20.56 -16.93 -41.90
C TRP B 141 20.77 -16.88 -43.38
N CYS B 142 20.21 -17.89 -44.04
CA CYS B 142 20.51 -18.16 -45.42
C CYS B 142 19.48 -17.64 -46.38
N TYR B 143 18.66 -16.71 -45.93
CA TYR B 143 17.78 -16.07 -46.85
C TYR B 143 18.19 -14.67 -47.08
N LYS B 144 17.75 -14.15 -48.19
CA LYS B 144 17.96 -12.75 -48.47
C LYS B 144 16.77 -12.23 -49.29
N LEU B 145 16.76 -10.93 -49.46
CA LEU B 145 15.60 -10.29 -50.06
C LEU B 145 16.06 -9.74 -51.37
N VAL B 146 15.44 -10.27 -52.43
CA VAL B 146 15.84 -9.96 -53.78
C VAL B 146 14.70 -9.23 -54.45
N PRO B 147 15.01 -8.18 -55.19
CA PRO B 147 13.96 -7.46 -55.85
C PRO B 147 13.32 -8.26 -56.95
N VAL B 148 12.02 -8.13 -57.08
CA VAL B 148 11.24 -8.92 -58.02
C VAL B 148 10.73 -8.13 -59.21
N GLU B 149 10.96 -6.82 -59.22
CA GLU B 149 10.53 -6.00 -60.38
C GLU B 149 11.20 -6.52 -61.65
N PRO B 150 10.50 -6.50 -62.80
CA PRO B 150 11.05 -7.26 -63.91
C PRO B 150 12.51 -6.88 -64.25
N ASP B 151 12.75 -5.58 -64.38
CA ASP B 151 14.09 -5.06 -64.73
C ASP B 151 15.18 -5.36 -63.71
N LYS B 152 14.77 -5.23 -62.45
CA LYS B 152 15.62 -5.46 -61.28
C LYS B 152 15.86 -6.95 -61.03
N VAL B 153 14.83 -7.77 -61.27
CA VAL B 153 14.96 -9.24 -61.15
C VAL B 153 16.03 -9.78 -62.12
N GLU B 154 16.22 -9.06 -63.23
CA GLU B 154 17.31 -9.36 -64.17
C GLU B 154 18.66 -9.08 -63.55
N GLU B 155 18.81 -7.87 -63.03
CA GLU B 155 20.05 -7.43 -62.40
C GLU B 155 20.39 -8.26 -61.18
N ALA B 156 19.34 -8.58 -60.42
CA ALA B 156 19.46 -9.25 -59.13
C ALA B 156 19.85 -10.70 -59.31
N ASN B 157 19.37 -11.33 -60.40
CA ASN B 157 19.68 -12.74 -60.73
C ASN B 157 21.14 -12.94 -61.11
N LYS B 158 21.62 -12.11 -62.02
CA LYS B 158 22.95 -12.26 -62.62
C LYS B 158 24.07 -12.05 -61.58
N GLY B 159 23.89 -11.05 -60.72
CA GLY B 159 24.94 -10.59 -59.82
C GLY B 159 25.18 -11.51 -58.63
N GLU B 160 24.52 -12.66 -58.62
CA GLU B 160 24.74 -13.71 -57.59
C GLU B 160 26.26 -13.96 -57.35
N ASN B 161 26.98 -14.27 -58.44
CA ASN B 161 28.46 -14.41 -58.46
C ASN B 161 29.13 -14.75 -57.11
N ASP B 175 13.78 4.87 -53.93
CA ASP B 175 13.52 4.39 -52.59
C ASP B 175 13.63 2.89 -52.59
N PRO B 176 14.54 2.36 -51.76
CA PRO B 176 14.50 0.94 -51.48
C PRO B 176 13.24 0.54 -50.70
N GLU B 177 12.62 1.50 -50.02
CA GLU B 177 11.33 1.29 -49.31
C GLU B 177 10.19 0.94 -50.27
N ARG B 178 10.38 1.22 -51.56
CA ARG B 178 9.35 0.90 -52.57
C ARG B 178 9.71 -0.25 -53.53
N GLU B 179 10.96 -0.73 -53.48
CA GLU B 179 11.36 -2.01 -54.14
C GLU B 179 10.53 -3.16 -53.60
N VAL B 180 9.84 -3.86 -54.49
CA VAL B 180 9.19 -5.12 -54.12
C VAL B 180 10.28 -6.18 -54.10
N LEU B 181 10.36 -6.84 -52.97
CA LEU B 181 11.38 -7.83 -52.66
C LEU B 181 10.77 -9.18 -52.32
N GLU B 182 11.57 -10.22 -52.42
CA GLU B 182 11.15 -11.47 -51.90
C GLU B 182 12.25 -12.26 -51.29
N TRP B 183 11.81 -13.09 -50.39
CA TRP B 183 12.68 -14.01 -49.72
C TRP B 183 13.26 -14.99 -50.69
N ARG B 184 14.58 -15.08 -50.65
CA ARG B 184 15.30 -16.01 -51.47
C ARG B 184 16.43 -16.68 -50.72
N PHE B 185 16.40 -17.99 -50.74
CA PHE B 185 17.39 -18.82 -50.10
C PHE B 185 18.72 -18.80 -50.84
N ASP B 186 19.80 -18.84 -50.09
CA ASP B 186 21.13 -18.75 -50.64
C ASP B 186 22.18 -19.22 -49.65
N SER B 187 22.62 -20.46 -49.85
CA SER B 187 23.47 -21.17 -48.91
C SER B 187 24.88 -20.63 -48.77
N ARG B 188 25.33 -19.84 -49.72
CA ARG B 188 26.68 -19.32 -49.54
C ARG B 188 26.70 -18.28 -48.44
N LEU B 189 25.53 -17.76 -48.07
CA LEU B 189 25.41 -16.79 -46.99
C LEU B 189 25.81 -17.40 -45.66
N ALA B 190 25.70 -18.72 -45.52
CA ALA B 190 26.16 -19.42 -44.31
C ALA B 190 27.66 -19.33 -44.17
N PHE B 191 28.33 -18.90 -45.25
CA PHE B 191 29.81 -18.91 -45.34
C PHE B 191 30.42 -17.59 -45.68
N HIS B 192 29.73 -16.82 -46.49
CA HIS B 192 30.13 -15.47 -46.78
C HIS B 192 29.17 -14.51 -46.07
N HIS B 193 29.65 -13.88 -44.99
CA HIS B 193 28.90 -12.89 -44.25
C HIS B 193 28.92 -11.58 -44.99
N VAL B 194 28.15 -11.56 -46.07
CA VAL B 194 28.11 -10.42 -47.00
C VAL B 194 27.82 -9.09 -46.29
N ALA B 195 26.79 -9.10 -45.44
CA ALA B 195 26.30 -7.90 -44.76
C ALA B 195 27.41 -7.22 -43.96
N ARG B 196 28.39 -8.01 -43.54
CA ARG B 196 29.49 -7.47 -42.79
C ARG B 196 30.52 -6.82 -43.70
N GLU B 197 30.74 -7.44 -44.85
CA GLU B 197 31.52 -6.81 -45.92
C GLU B 197 30.91 -5.47 -46.31
N LEU B 198 29.64 -5.49 -46.66
CA LEU B 198 28.89 -4.29 -47.02
C LEU B 198 28.78 -3.22 -45.90
N HIS B 199 28.71 -3.65 -44.65
CA HIS B 199 28.53 -2.71 -43.54
C HIS B 199 29.28 -3.14 -42.30
N PRO B 200 30.60 -3.07 -42.34
CA PRO B 200 31.42 -3.46 -41.19
C PRO B 200 31.07 -2.70 -39.91
N GLU B 201 30.58 -1.47 -40.05
CA GLU B 201 30.21 -0.64 -38.88
C GLU B 201 29.11 -1.24 -38.03
N TYR B 202 28.16 -1.88 -38.68
CA TYR B 202 27.11 -2.60 -37.98
C TYR B 202 27.69 -3.64 -37.04
N PHE B 203 28.96 -3.99 -37.23
CA PHE B 203 29.54 -5.13 -36.52
C PHE B 203 30.74 -4.94 -35.63
N LYS B 204 31.39 -3.80 -35.67
CA LYS B 204 32.42 -3.48 -34.67
C LYS B 204 33.29 -4.69 -34.24
N SER C 9 -21.90 27.77 17.07
CA SER C 9 -23.11 26.90 17.12
C SER C 9 -24.04 27.38 16.06
N VAL C 10 -24.38 28.66 16.23
CA VAL C 10 -25.50 29.35 15.62
C VAL C 10 -25.62 29.28 14.10
N ILE C 11 -24.51 29.49 13.42
CA ILE C 11 -24.46 29.30 11.98
C ILE C 11 -24.48 27.80 11.71
N GLY C 12 -24.05 27.03 12.71
CA GLY C 12 -23.86 25.59 12.55
C GLY C 12 -25.15 24.81 12.33
N TRP C 13 -26.22 25.24 12.97
CA TRP C 13 -27.44 24.45 13.09
C TRP C 13 -28.23 24.27 11.81
N PRO C 14 -28.38 25.32 11.04
CA PRO C 14 -29.15 25.21 9.82
C PRO C 14 -28.55 24.17 8.91
N ALA C 15 -27.23 24.14 8.88
CA ALA C 15 -26.54 23.18 8.06
C ALA C 15 -26.96 21.82 8.52
N VAL C 16 -26.81 21.60 9.82
CA VAL C 16 -27.01 20.27 10.36
C VAL C 16 -28.45 19.93 10.49
N ARG C 17 -29.30 20.95 10.42
CA ARG C 17 -30.71 20.71 10.43
C ARG C 17 -31.11 19.99 9.15
N GLU C 18 -30.61 20.51 8.03
CA GLU C 18 -30.91 19.92 6.73
C GLU C 18 -30.39 18.50 6.62
N ARG C 19 -29.14 18.32 7.01
CA ARG C 19 -28.57 17.00 7.14
C ARG C 19 -29.53 16.04 7.83
N MET C 20 -30.14 16.50 8.90
CA MET C 20 -31.08 15.67 9.66
C MET C 20 -32.34 15.39 8.83
N ARG C 21 -32.87 16.41 8.16
CA ARG C 21 -34.06 16.24 7.31
C ARG C 21 -33.82 15.21 6.21
N ARG C 22 -32.62 15.25 5.65
CA ARG C 22 -32.23 14.36 4.56
C ARG C 22 -32.31 12.91 4.98
N ALA C 23 -31.59 12.58 6.05
CA ALA C 23 -31.62 11.24 6.61
C ALA C 23 -33.08 10.76 6.69
N GLU C 24 -33.30 9.54 6.24
CA GLU C 24 -34.62 8.88 6.26
C GLU C 24 -35.42 9.14 4.98
N TRP C 57 -25.63 -7.88 -1.32
CA TRP C 57 -24.96 -6.70 -0.78
C TRP C 57 -24.29 -6.95 0.54
N LEU C 58 -23.25 -6.19 0.84
CA LEU C 58 -22.41 -6.43 2.04
C LEU C 58 -21.99 -5.15 2.73
N GLU C 59 -21.84 -5.23 4.05
CA GLU C 59 -21.22 -4.16 4.84
C GLU C 59 -19.81 -4.01 4.33
N ALA C 60 -19.48 -2.79 3.94
CA ALA C 60 -18.12 -2.50 3.55
C ALA C 60 -17.28 -2.49 4.82
N GLN C 61 -16.71 -3.65 5.12
CA GLN C 61 -15.87 -3.83 6.30
C GLN C 61 -14.96 -2.61 6.47
N GLU C 62 -14.97 -2.03 7.64
CA GLU C 62 -14.27 -0.77 7.78
C GLU C 62 -12.92 -0.93 8.46
N GLU C 63 -11.99 -0.10 8.01
CA GLU C 63 -10.59 -0.21 8.37
C GLU C 63 -10.22 0.87 9.34
N GLU C 64 -9.18 0.60 10.10
CA GLU C 64 -8.70 1.51 11.14
C GLU C 64 -7.27 2.04 10.90
N GLU C 65 -7.10 3.29 11.27
CA GLU C 65 -5.85 3.71 11.84
C GLU C 65 -6.13 3.60 13.33
N VAL C 66 -5.43 2.69 13.98
CA VAL C 66 -5.77 2.27 15.36
C VAL C 66 -5.76 3.44 16.33
N GLY C 67 -6.61 3.35 17.36
CA GLY C 67 -6.55 4.28 18.50
C GLY C 67 -7.33 5.58 18.53
N PHE C 68 -7.30 6.21 19.68
CA PHE C 68 -8.20 7.30 19.99
C PHE C 68 -7.34 8.42 20.50
N PRO C 69 -6.98 9.34 19.61
CA PRO C 69 -6.17 10.46 20.00
C PRO C 69 -6.96 11.41 20.82
N VAL C 70 -6.25 12.16 21.64
CA VAL C 70 -6.89 13.12 22.50
C VAL C 70 -6.23 14.45 22.22
N THR C 71 -7.03 15.44 21.87
CA THR C 71 -6.44 16.69 21.46
C THR C 71 -5.96 17.34 22.79
N PRO C 72 -4.65 17.56 22.89
CA PRO C 72 -3.92 17.79 24.15
C PRO C 72 -4.63 18.50 25.30
N GLN C 73 -5.21 19.68 25.05
CA GLN C 73 -5.75 20.47 26.16
C GLN C 73 -7.23 20.80 26.10
N VAL C 74 -7.82 20.70 24.90
CA VAL C 74 -9.32 20.82 24.74
C VAL C 74 -10.20 19.93 25.67
N PRO C 75 -10.92 20.54 26.63
CA PRO C 75 -11.66 19.75 27.62
C PRO C 75 -13.00 19.20 27.12
N LEU C 76 -13.28 17.99 27.54
CA LEU C 76 -14.47 17.29 27.10
C LEU C 76 -15.28 16.94 28.31
N ARG C 77 -16.57 17.11 28.20
CA ARG C 77 -17.42 16.91 29.37
C ARG C 77 -18.82 16.49 29.01
N PRO C 78 -19.51 15.92 30.01
CA PRO C 78 -20.89 15.60 29.77
C PRO C 78 -21.71 16.86 29.69
N MET C 79 -22.79 16.77 28.92
CA MET C 79 -23.77 17.84 28.80
C MET C 79 -24.25 18.30 30.16
N THR C 80 -24.39 19.62 30.28
CA THR C 80 -24.88 20.22 31.52
C THR C 80 -26.34 20.62 31.41
N TYR C 81 -26.97 20.78 32.56
CA TYR C 81 -28.37 21.17 32.61
C TYR C 81 -28.56 22.46 31.83
N LYS C 82 -27.79 23.46 32.17
CA LYS C 82 -27.97 24.77 31.59
C LYS C 82 -27.78 24.71 30.08
N ALA C 83 -26.82 23.88 29.67
CA ALA C 83 -26.49 23.82 28.26
C ALA C 83 -27.60 23.11 27.52
N ALA C 84 -28.12 22.09 28.16
CA ALA C 84 -29.22 21.31 27.61
C ALA C 84 -30.46 22.19 27.48
N VAL C 85 -30.74 22.95 28.54
CA VAL C 85 -31.85 23.87 28.54
C VAL C 85 -31.68 24.91 27.44
N ASP C 86 -30.53 25.57 27.39
CA ASP C 86 -30.27 26.59 26.36
C ASP C 86 -30.47 26.08 24.96
N LEU C 87 -29.96 24.90 24.74
CA LEU C 87 -29.99 24.31 23.42
C LEU C 87 -31.40 23.92 23.04
N SER C 88 -32.10 23.32 23.99
CA SER C 88 -33.50 22.97 23.79
C SER C 88 -34.23 24.18 23.30
N HIS C 89 -33.99 25.30 23.97
CA HIS C 89 -34.68 26.53 23.63
C HIS C 89 -34.24 27.09 22.30
N PHE C 90 -32.94 27.01 22.04
CA PHE C 90 -32.42 27.46 20.78
C PHE C 90 -33.02 26.73 19.61
N LEU C 91 -33.05 25.42 19.72
CA LEU C 91 -33.67 24.60 18.68
C LEU C 91 -35.17 24.86 18.59
N LYS C 92 -35.82 24.99 19.74
CA LYS C 92 -37.24 25.36 19.78
C LYS C 92 -37.48 26.66 19.03
N GLU C 93 -36.74 27.69 19.42
CA GLU C 93 -36.83 29.01 18.79
C GLU C 93 -36.63 28.91 17.29
N LYS C 94 -35.51 28.34 16.87
CA LYS C 94 -35.15 28.31 15.46
C LYS C 94 -35.95 27.32 14.65
N GLY C 95 -36.58 26.36 15.33
CA GLY C 95 -37.32 25.31 14.66
C GLY C 95 -36.41 24.32 13.94
N GLY C 96 -37.04 23.24 13.49
CA GLY C 96 -36.35 22.16 12.78
C GLY C 96 -36.50 20.80 13.45
N LEU C 97 -36.53 20.76 14.77
CA LEU C 97 -36.50 19.49 15.51
C LEU C 97 -37.89 19.03 15.89
N GLU C 98 -38.75 20.00 16.20
CA GLU C 98 -40.12 19.76 16.63
C GLU C 98 -40.86 18.99 15.56
N GLY C 99 -41.43 17.85 15.93
CA GLY C 99 -42.15 17.00 14.98
C GLY C 99 -41.31 16.27 13.94
N LEU C 100 -40.01 16.47 13.95
CA LEU C 100 -39.15 15.63 13.13
C LEU C 100 -39.23 14.20 13.60
N ILE C 101 -39.38 13.30 12.65
CA ILE C 101 -39.41 11.87 12.96
C ILE C 101 -38.01 11.43 13.33
N HIS C 102 -37.96 10.76 14.47
CA HIS C 102 -36.73 10.31 15.05
C HIS C 102 -36.20 9.09 14.37
N SER C 103 -34.88 9.11 14.12
CA SER C 103 -34.07 7.91 13.85
C SER C 103 -32.72 8.03 14.53
N GLN C 104 -32.07 6.91 14.75
CA GLN C 104 -30.77 6.95 15.39
C GLN C 104 -29.80 7.78 14.56
N ARG C 105 -29.90 7.65 13.25
CA ARG C 105 -29.04 8.38 12.31
C ARG C 105 -29.14 9.87 12.57
N ARG C 106 -30.38 10.32 12.60
CA ARG C 106 -30.69 11.74 12.71
C ARG C 106 -30.23 12.28 14.05
N GLN C 107 -30.45 11.46 15.07
CA GLN C 107 -29.97 11.81 16.40
C GLN C 107 -28.46 11.91 16.42
N ASP C 108 -27.82 10.92 15.82
CA ASP C 108 -26.37 10.87 15.77
C ASP C 108 -25.78 12.12 15.14
N ILE C 109 -26.38 12.55 14.03
CA ILE C 109 -25.96 13.79 13.38
C ILE C 109 -25.94 14.94 14.38
N LEU C 110 -27.00 15.02 15.16
CA LEU C 110 -27.16 16.05 16.15
C LEU C 110 -26.06 15.92 17.21
N ASP C 111 -26.01 14.76 17.86
CA ASP C 111 -25.08 14.56 18.96
C ASP C 111 -23.63 14.82 18.60
N LEU C 112 -23.25 14.43 17.38
CA LEU C 112 -21.86 14.61 16.91
C LEU C 112 -21.56 16.07 16.65
N TRP C 113 -22.54 16.74 16.08
CA TRP C 113 -22.46 18.16 15.86
C TRP C 113 -22.14 18.88 17.17
N ILE C 114 -22.89 18.56 18.21
CA ILE C 114 -22.67 19.13 19.55
C ILE C 114 -21.30 18.73 20.12
N TYR C 115 -20.94 17.49 19.86
CA TYR C 115 -19.67 16.99 20.27
C TYR C 115 -18.53 17.78 19.68
N HIS C 116 -18.54 17.97 18.36
CA HIS C 116 -17.41 18.67 17.73
C HIS C 116 -17.43 20.14 18.05
N THR C 117 -18.59 20.75 17.88
CA THR C 117 -18.72 22.20 18.07
C THR C 117 -18.74 22.64 19.52
N GLN C 118 -18.98 21.71 20.46
CA GLN C 118 -19.08 22.11 21.86
C GLN C 118 -18.40 21.27 22.94
N GLY C 119 -17.90 20.09 22.59
CA GLY C 119 -17.06 19.32 23.51
C GLY C 119 -17.87 18.49 24.49
N TYR C 120 -19.13 18.27 24.14
CA TYR C 120 -19.99 17.42 24.95
C TYR C 120 -19.99 16.01 24.44
N PHE C 121 -19.52 15.11 25.30
CA PHE C 121 -19.57 13.70 25.01
C PHE C 121 -20.97 13.41 24.53
N PRO C 122 -21.08 12.73 23.38
CA PRO C 122 -22.39 12.38 22.83
C PRO C 122 -22.99 11.15 23.47
N ASP C 123 -23.02 11.14 24.80
CA ASP C 123 -23.76 10.11 25.56
C ASP C 123 -24.98 10.71 26.28
N TRP C 124 -25.35 11.94 25.93
CA TRP C 124 -26.39 12.67 26.67
C TRP C 124 -27.78 12.56 26.13
N GLN C 125 -27.95 12.34 24.83
CA GLN C 125 -29.28 12.32 24.26
C GLN C 125 -29.91 10.93 24.25
N ASN C 126 -29.86 10.24 25.37
CA ASN C 126 -30.63 9.03 25.47
C ASN C 126 -31.99 9.32 26.09
N TYR C 127 -32.94 8.46 25.74
CA TYR C 127 -34.33 8.57 26.20
C TYR C 127 -34.78 7.30 26.86
N THR C 128 -35.80 7.40 27.70
CA THR C 128 -36.27 6.21 28.42
C THR C 128 -36.79 5.21 27.43
N PRO C 129 -36.74 3.93 27.77
CA PRO C 129 -37.21 2.95 26.83
C PRO C 129 -38.70 3.02 26.77
N GLY C 130 -39.24 2.71 25.63
CA GLY C 130 -40.67 2.70 25.50
C GLY C 130 -41.28 1.41 26.00
N PRO C 131 -42.48 1.08 25.54
CA PRO C 131 -43.17 1.90 24.59
C PRO C 131 -43.82 3.09 25.27
N GLY C 132 -44.27 4.03 24.45
CA GLY C 132 -44.93 5.21 24.94
C GLY C 132 -44.07 6.40 24.64
N VAL C 133 -44.25 7.44 25.44
CA VAL C 133 -43.40 8.59 25.33
C VAL C 133 -42.05 8.18 25.89
N ARG C 134 -41.00 8.70 25.26
CA ARG C 134 -39.65 8.48 25.69
C ARG C 134 -39.13 9.78 26.24
N TYR C 135 -38.75 9.72 27.50
CA TYR C 135 -38.30 10.87 28.23
C TYR C 135 -36.79 10.93 28.26
N PRO C 136 -36.22 12.12 28.09
CA PRO C 136 -34.78 12.24 28.07
C PRO C 136 -34.16 11.98 29.41
N LEU C 137 -33.04 11.31 29.38
CA LEU C 137 -32.29 11.01 30.58
C LEU C 137 -31.55 12.23 31.10
N THR C 138 -31.19 13.12 30.21
CA THR C 138 -30.50 14.35 30.62
C THR C 138 -31.47 15.43 31.06
N PHE C 139 -31.46 15.72 32.37
CA PHE C 139 -32.29 16.76 32.92
C PHE C 139 -31.78 18.05 32.34
N GLY C 140 -32.70 18.77 31.72
CA GLY C 140 -32.40 20.03 31.06
C GLY C 140 -32.76 19.94 29.59
N TRP C 141 -32.74 18.72 29.06
CA TRP C 141 -33.05 18.49 27.70
C TRP C 141 -34.53 18.41 27.61
N CYS C 142 -35.08 19.40 26.89
CA CYS C 142 -36.51 19.68 26.91
C CYS C 142 -37.25 19.08 25.75
N TYR C 143 -36.65 18.11 25.09
CA TYR C 143 -37.37 17.38 24.08
C TYR C 143 -37.64 15.98 24.53
N LYS C 144 -38.66 15.41 23.91
CA LYS C 144 -38.96 14.02 24.15
C LYS C 144 -39.50 13.42 22.89
N LEU C 145 -39.62 12.11 22.91
CA LEU C 145 -40.03 11.39 21.73
C LEU C 145 -41.42 10.81 21.97
N VAL C 146 -42.36 11.25 21.12
CA VAL C 146 -43.78 10.87 21.23
C VAL C 146 -44.22 10.13 19.97
N PRO C 147 -44.78 8.93 20.17
CA PRO C 147 -45.34 8.12 19.09
C PRO C 147 -46.31 8.90 18.21
N VAL C 148 -46.12 8.78 16.91
CA VAL C 148 -46.98 9.39 15.94
C VAL C 148 -47.17 8.45 14.77
N GLU C 179 -42.50 1.65 17.11
CA GLU C 179 -43.24 2.88 17.32
C GLU C 179 -42.56 3.97 16.54
N VAL C 180 -43.29 4.65 15.69
CA VAL C 180 -42.75 5.80 14.99
C VAL C 180 -42.91 7.02 15.87
N LEU C 181 -41.78 7.55 16.28
CA LEU C 181 -41.71 8.58 17.30
C LEU C 181 -41.30 9.87 16.68
N GLU C 182 -41.57 10.96 17.39
CA GLU C 182 -40.99 12.22 16.99
C GLU C 182 -40.62 13.11 18.15
N TRP C 183 -39.67 13.97 17.82
CA TRP C 183 -39.18 14.96 18.73
C TRP C 183 -40.27 15.95 19.04
N ARG C 184 -40.49 16.14 20.33
CA ARG C 184 -41.46 17.12 20.85
C ARG C 184 -40.92 17.84 22.03
N PHE C 185 -40.96 19.17 21.92
CA PHE C 185 -40.54 20.05 22.98
C PHE C 185 -41.52 20.09 24.14
N ASP C 186 -40.96 20.18 25.33
CA ASP C 186 -41.77 20.15 26.51
C ASP C 186 -40.98 20.68 27.68
N SER C 187 -41.31 21.92 28.01
CA SER C 187 -40.58 22.73 28.98
C SER C 187 -40.63 22.21 30.39
N ARG C 188 -41.66 21.41 30.65
CA ARG C 188 -41.89 20.84 31.96
C ARG C 188 -40.66 20.01 32.34
N LEU C 189 -40.03 19.47 31.32
CA LEU C 189 -38.89 18.56 31.46
C LEU C 189 -37.65 19.24 32.05
N ALA C 190 -37.53 20.55 31.88
CA ALA C 190 -36.50 21.33 32.56
C ALA C 190 -36.68 21.38 34.10
N PHE C 191 -37.86 20.95 34.55
CA PHE C 191 -38.24 21.05 35.97
C PHE C 191 -38.64 19.73 36.58
N HIS C 192 -39.31 18.91 35.80
CA HIS C 192 -39.66 17.61 36.24
C HIS C 192 -38.78 16.62 35.51
N HIS C 193 -37.82 16.06 36.24
CA HIS C 193 -36.94 15.04 35.68
C HIS C 193 -37.67 13.72 35.65
N VAL C 194 -38.56 13.60 34.68
CA VAL C 194 -39.43 12.44 34.58
C VAL C 194 -38.69 11.13 34.52
N ALA C 195 -37.66 11.09 33.69
CA ALA C 195 -36.90 9.87 33.44
C ALA C 195 -36.33 9.32 34.72
N ARG C 196 -36.12 10.19 35.70
CA ARG C 196 -35.56 9.77 36.95
C ARG C 196 -36.61 9.16 37.83
N GLU C 197 -37.80 9.74 37.77
CA GLU C 197 -38.98 9.12 38.38
C GLU C 197 -39.18 7.73 37.82
N LEU C 198 -39.29 7.66 36.50
CA LEU C 198 -39.52 6.38 35.81
C LEU C 198 -38.39 5.36 36.01
N HIS C 199 -37.15 5.83 36.12
CA HIS C 199 -35.99 4.94 36.20
C HIS C 199 -34.94 5.48 37.11
N PRO C 200 -35.21 5.50 38.41
CA PRO C 200 -34.25 6.00 39.40
C PRO C 200 -32.91 5.30 39.31
N GLU C 201 -32.92 4.04 38.91
CA GLU C 201 -31.68 3.23 38.84
C GLU C 201 -30.67 3.80 37.84
N TYR C 202 -31.19 4.34 36.75
CA TYR C 202 -30.35 5.03 35.80
C TYR C 202 -29.59 6.17 36.46
N PHE C 203 -30.01 6.56 37.65
CA PHE C 203 -29.43 7.71 38.35
C PHE C 203 -28.97 7.34 39.77
N ARG D 3 34.99 -2.09 -5.84
CA ARG D 3 35.24 -3.58 -5.88
C ARG D 3 36.61 -3.99 -5.35
N SER D 4 36.60 -4.97 -4.45
CA SER D 4 37.81 -5.46 -3.82
C SER D 4 38.51 -6.54 -4.63
N GLU D 5 39.73 -6.86 -4.22
CA GLU D 5 40.56 -7.86 -4.89
C GLU D 5 40.38 -9.29 -4.35
N GLY D 6 40.61 -10.23 -5.24
CA GLY D 6 40.67 -11.64 -4.88
C GLY D 6 39.47 -12.28 -4.19
N ILE D 7 38.26 -11.75 -4.40
CA ILE D 7 37.04 -12.34 -3.77
C ILE D 7 36.57 -13.55 -4.56
N LYS D 8 35.84 -14.44 -3.90
CA LYS D 8 35.72 -15.80 -4.45
C LYS D 8 34.40 -16.45 -4.04
N TYR D 9 33.78 -17.10 -5.02
CA TYR D 9 32.51 -17.81 -4.80
C TYR D 9 32.58 -19.22 -5.36
N ARG D 10 31.93 -20.12 -4.63
CA ARG D 10 31.67 -21.46 -5.09
C ARG D 10 30.98 -21.39 -6.43
N LYS D 11 29.95 -20.57 -6.48
CA LYS D 11 29.12 -20.44 -7.65
C LYS D 11 29.12 -19.02 -8.14
N ASN D 12 29.57 -18.85 -9.35
CA ASN D 12 29.63 -17.52 -9.94
C ASN D 12 28.31 -17.23 -10.59
N GLU D 13 27.56 -16.29 -10.02
CA GLU D 13 26.28 -15.87 -10.62
C GLU D 13 25.94 -14.42 -10.50
N VAL D 14 25.13 -13.98 -11.45
CA VAL D 14 24.52 -12.66 -11.42
C VAL D 14 23.03 -12.78 -11.57
N PHE D 15 22.32 -11.93 -10.83
CA PHE D 15 20.88 -11.82 -10.93
C PHE D 15 20.52 -10.41 -11.26
N LEU D 16 19.74 -10.23 -12.30
CA LEU D 16 19.24 -8.92 -12.63
C LEU D 16 17.75 -8.86 -12.49
N ASP D 17 17.33 -7.70 -12.01
CA ASP D 17 15.93 -7.42 -11.83
C ASP D 17 15.66 -6.18 -12.59
N VAL D 18 14.84 -6.33 -13.62
CA VAL D 18 14.38 -5.19 -14.37
C VAL D 18 13.04 -4.81 -13.77
N ILE D 19 13.04 -3.73 -13.01
CA ILE D 19 11.82 -3.22 -12.39
C ILE D 19 11.33 -1.98 -13.10
N GLU D 20 10.05 -1.99 -13.45
CA GLU D 20 9.46 -0.82 -14.09
C GLU D 20 8.26 -0.33 -13.31
N ALA D 21 8.33 0.93 -12.91
CA ALA D 21 7.20 1.60 -12.32
C ALA D 21 6.42 2.36 -13.40
N VAL D 22 5.11 2.30 -13.30
CA VAL D 22 4.24 2.98 -14.24
C VAL D 22 3.55 4.21 -13.66
N ASN D 23 3.86 5.36 -14.21
CA ASN D 23 3.16 6.58 -13.84
C ASN D 23 2.06 6.83 -14.79
N LEU D 24 0.94 7.26 -14.24
CA LEU D 24 -0.23 7.56 -15.01
C LEU D 24 -1.01 8.65 -14.31
N LEU D 25 -1.40 9.63 -15.10
CA LEU D 25 -2.29 10.69 -14.67
C LEU D 25 -3.36 10.89 -15.73
N VAL D 26 -4.58 10.55 -15.37
CA VAL D 26 -5.71 10.70 -16.27
C VAL D 26 -6.63 11.77 -15.75
N SER D 27 -7.29 12.48 -16.66
CA SER D 27 -8.19 13.54 -16.22
C SER D 27 -9.63 13.08 -16.08
N ALA D 28 -10.40 13.87 -15.35
CA ALA D 28 -11.82 13.57 -15.13
C ALA D 28 -12.45 13.21 -16.48
N ASN D 29 -12.14 14.04 -17.48
CA ASN D 29 -12.62 13.82 -18.84
C ASN D 29 -12.07 12.57 -19.55
N GLY D 30 -11.17 11.85 -18.88
CA GLY D 30 -10.48 10.69 -19.48
C GLY D 30 -9.25 11.03 -20.33
N ASN D 31 -8.79 12.27 -20.26
CA ASN D 31 -7.60 12.67 -21.00
C ASN D 31 -6.37 12.22 -20.26
N VAL D 32 -5.59 11.36 -20.88
CA VAL D 32 -4.33 10.92 -20.28
C VAL D 32 -3.32 12.04 -20.30
N LEU D 33 -3.05 12.60 -19.13
CA LEU D 33 -2.09 13.69 -19.03
C LEU D 33 -0.66 13.17 -19.02
N ARG D 34 -0.46 12.10 -18.27
CA ARG D 34 0.84 11.48 -18.15
C ARG D 34 0.74 9.98 -18.16
N SER D 35 1.66 9.35 -18.88
CA SER D 35 1.76 7.88 -18.98
C SER D 35 3.18 7.50 -19.37
N GLU D 36 3.85 6.88 -18.45
CA GLU D 36 5.28 6.95 -18.41
C GLU D 36 5.86 5.84 -17.58
N ILE D 37 7.00 5.33 -18.02
CA ILE D 37 7.68 4.25 -17.32
C ILE D 37 8.95 4.80 -16.70
N VAL D 38 9.15 4.44 -15.46
CA VAL D 38 10.38 4.74 -14.78
C VAL D 38 10.94 3.41 -14.38
N GLY D 39 12.09 3.08 -14.92
CA GLY D 39 12.59 1.74 -14.80
C GLY D 39 13.94 1.73 -14.14
N SER D 40 14.33 0.59 -13.63
CA SER D 40 15.68 0.43 -13.22
C SER D 40 16.13 -1.01 -13.26
N ILE D 41 17.45 -1.20 -13.31
CA ILE D 41 18.04 -2.52 -13.25
C ILE D 41 18.82 -2.67 -11.98
N LYS D 42 18.34 -3.58 -11.17
CA LYS D 42 19.02 -3.93 -9.96
C LYS D 42 19.76 -5.17 -10.23
N MET D 43 21.01 -5.17 -9.80
CA MET D 43 21.87 -6.33 -9.91
C MET D 43 22.26 -6.83 -8.53
N ARG D 44 22.32 -8.15 -8.41
CA ARG D 44 22.93 -8.82 -7.28
C ARG D 44 24.03 -9.66 -7.87
N VAL D 45 25.27 -9.28 -7.61
CA VAL D 45 26.45 -9.91 -8.25
C VAL D 45 27.29 -10.79 -7.33
N PHE D 46 27.27 -12.08 -7.64
CA PHE D 46 28.05 -13.07 -6.90
C PHE D 46 29.12 -13.70 -7.77
N LEU D 47 30.16 -12.90 -8.00
CA LEU D 47 31.22 -13.22 -8.93
C LEU D 47 32.64 -13.21 -8.34
N SER D 48 33.37 -14.29 -8.61
CA SER D 48 34.75 -14.42 -8.19
C SER D 48 35.71 -13.48 -8.94
N GLY D 49 36.69 -13.00 -8.22
CA GLY D 49 37.77 -12.27 -8.82
C GLY D 49 37.39 -10.87 -9.20
N MET D 50 37.51 -10.59 -10.48
CA MET D 50 37.48 -9.20 -10.97
C MET D 50 36.97 -9.15 -12.39
N PRO D 51 35.72 -9.58 -12.59
CA PRO D 51 35.23 -9.70 -13.91
C PRO D 51 34.76 -8.41 -14.51
N GLU D 52 34.70 -8.51 -15.81
CA GLU D 52 34.35 -7.46 -16.69
C GLU D 52 33.03 -7.85 -17.30
N LEU D 53 32.04 -6.99 -17.16
CA LEU D 53 30.71 -7.32 -17.67
C LEU D 53 30.30 -6.41 -18.77
N ARG D 54 29.56 -6.99 -19.70
CA ARG D 54 28.95 -6.21 -20.74
C ARG D 54 27.48 -6.57 -20.86
N LEU D 55 26.64 -5.55 -20.69
CA LEU D 55 25.19 -5.73 -20.74
C LEU D 55 24.60 -5.35 -22.09
N GLY D 56 23.90 -6.31 -22.67
CA GLY D 56 23.27 -6.13 -23.94
C GLY D 56 21.76 -5.95 -23.80
N LEU D 57 21.27 -4.80 -24.26
CA LEU D 57 19.84 -4.50 -24.25
C LEU D 57 19.32 -4.18 -25.59
N ASN D 58 18.01 -4.30 -25.78
CA ASN D 58 17.38 -3.85 -27.06
C ASN D 58 17.25 -2.33 -27.13
N ASP D 59 18.38 -1.70 -26.90
CA ASP D 59 18.47 -0.28 -26.86
C ASP D 59 18.26 0.27 -28.26
N LYS D 60 17.39 1.23 -28.39
CA LYS D 60 17.04 1.73 -29.71
C LYS D 60 18.19 2.34 -30.46
N VAL D 61 18.97 3.17 -29.78
CA VAL D 61 20.10 3.86 -30.41
C VAL D 61 21.15 2.85 -30.92
N LEU D 62 21.34 1.83 -30.15
CA LEU D 62 22.24 0.74 -30.53
C LEU D 62 21.71 -0.02 -31.75
N PHE D 63 20.41 -0.31 -31.75
CA PHE D 63 19.81 -1.03 -32.87
C PHE D 63 19.88 -0.16 -34.09
N ASP D 64 19.46 1.09 -33.95
CA ASP D 64 19.54 2.04 -35.06
C ASP D 64 20.97 2.11 -35.65
N ASN D 65 21.99 2.11 -34.80
CA ASN D 65 23.38 2.13 -35.27
C ASN D 65 23.96 0.83 -35.75
N THR D 66 23.27 -0.27 -35.52
CA THR D 66 23.81 -1.55 -35.96
C THR D 66 22.88 -2.19 -36.94
N GLY D 67 22.13 -1.37 -37.67
CA GLY D 67 21.29 -1.87 -38.77
C GLY D 67 20.07 -2.67 -38.34
N ARG D 68 19.69 -2.50 -37.08
CA ARG D 68 18.60 -3.26 -36.51
C ARG D 68 17.43 -2.39 -36.08
N GLY D 69 17.37 -1.18 -36.64
CA GLY D 69 16.30 -0.24 -36.36
C GLY D 69 14.90 -0.75 -36.57
N LYS D 70 14.70 -1.61 -37.56
CA LYS D 70 13.38 -2.18 -37.85
C LYS D 70 12.89 -3.03 -36.69
N SER D 71 13.81 -3.47 -35.86
CA SER D 71 13.44 -4.37 -34.75
C SER D 71 12.86 -3.60 -33.61
N LYS D 72 12.08 -4.28 -32.77
CA LYS D 72 11.51 -3.66 -31.59
C LYS D 72 12.60 -3.37 -30.58
N SER D 73 12.73 -2.08 -30.26
CA SER D 73 13.66 -1.65 -29.25
C SER D 73 12.97 -0.81 -28.20
N VAL D 74 13.75 -0.28 -27.28
CA VAL D 74 13.23 0.66 -26.28
C VAL D 74 14.08 1.91 -26.37
N GLU D 75 13.39 3.04 -26.43
CA GLU D 75 14.05 4.32 -26.45
C GLU D 75 14.26 4.79 -25.05
N LEU D 76 15.45 4.50 -24.55
CA LEU D 76 15.80 4.80 -23.20
C LEU D 76 16.06 6.28 -23.08
N GLU D 77 15.51 6.85 -22.02
CA GLU D 77 15.54 8.24 -21.81
C GLU D 77 16.11 8.52 -20.44
N ASP D 78 16.78 9.66 -20.29
CA ASP D 78 17.37 10.04 -19.00
C ASP D 78 18.00 8.82 -18.33
N VAL D 79 18.91 8.20 -19.07
CA VAL D 79 19.60 7.05 -18.59
C VAL D 79 20.59 7.53 -17.55
N LYS D 80 20.70 6.78 -16.47
CA LYS D 80 21.65 7.11 -15.42
C LYS D 80 22.28 5.85 -14.94
N PHE D 81 23.58 5.91 -14.73
CA PHE D 81 24.34 4.71 -14.45
C PHE D 81 25.00 4.76 -13.11
N HIS D 82 25.12 3.61 -12.52
CA HIS D 82 25.99 3.44 -11.40
C HIS D 82 27.37 3.83 -11.83
N GLN D 83 28.22 4.17 -10.87
CA GLN D 83 29.55 4.70 -11.22
C GLN D 83 30.46 3.69 -11.93
N CYS D 84 30.29 2.40 -11.66
CA CYS D 84 31.14 1.38 -12.27
C CYS D 84 31.04 1.34 -13.79
N VAL D 85 29.98 1.92 -14.33
CA VAL D 85 29.79 1.87 -15.75
C VAL D 85 30.72 2.87 -16.40
N ARG D 86 31.29 2.46 -17.53
CA ARG D 86 32.20 3.26 -18.28
C ARG D 86 31.44 4.06 -19.31
N LEU D 87 31.27 5.30 -18.95
CA LEU D 87 30.46 6.23 -19.68
C LEU D 87 30.99 6.43 -21.11
N SER D 88 32.31 6.36 -21.31
CA SER D 88 32.90 6.64 -22.64
C SER D 88 32.46 5.61 -23.64
N ARG D 89 32.49 4.37 -23.18
CA ARG D 89 32.09 3.27 -24.01
C ARG D 89 30.61 3.33 -24.37
N PHE D 90 29.79 3.69 -23.39
CA PHE D 90 28.40 3.87 -23.66
C PHE D 90 28.22 5.04 -24.59
N GLU D 91 28.95 6.11 -24.31
CA GLU D 91 28.89 7.29 -25.14
C GLU D 91 29.28 6.94 -26.55
N ASN D 92 30.34 6.18 -26.72
CA ASN D 92 30.84 5.98 -28.08
C ASN D 92 29.96 5.05 -28.92
N ASP D 93 29.71 3.86 -28.41
CA ASP D 93 28.94 2.89 -29.19
C ASP D 93 27.82 2.22 -28.41
N ARG D 94 27.44 2.82 -27.30
CA ARG D 94 26.30 2.35 -26.52
C ARG D 94 26.57 1.08 -25.77
N THR D 95 27.86 0.80 -25.54
CA THR D 95 28.25 -0.34 -24.76
C THR D 95 27.99 -0.04 -23.31
N ILE D 96 27.49 -1.03 -22.61
CA ILE D 96 27.40 -0.95 -21.17
C ILE D 96 28.46 -1.88 -20.59
N SER D 97 29.53 -1.25 -20.12
CA SER D 97 30.70 -1.95 -19.67
C SER D 97 31.04 -1.58 -18.27
N PHE D 98 31.29 -2.58 -17.46
CA PHE D 98 31.58 -2.29 -16.06
C PHE D 98 32.16 -3.47 -15.34
N ILE D 99 33.04 -3.15 -14.39
CA ILE D 99 33.43 -4.08 -13.37
C ILE D 99 32.47 -3.85 -12.21
N PRO D 100 31.64 -4.84 -11.94
CA PRO D 100 30.63 -4.73 -10.89
C PRO D 100 31.18 -4.71 -9.48
N PRO D 101 30.48 -4.03 -8.56
CA PRO D 101 30.65 -4.27 -7.15
C PRO D 101 30.23 -5.67 -6.77
N ASP D 102 30.65 -6.08 -5.60
CA ASP D 102 30.13 -7.29 -5.06
C ASP D 102 28.83 -7.00 -4.37
N GLY D 103 27.94 -7.98 -4.43
CA GLY D 103 26.63 -7.86 -3.85
C GLY D 103 25.71 -6.98 -4.67
N GLU D 104 24.91 -6.21 -3.97
CA GLU D 104 23.72 -5.66 -4.56
C GLU D 104 23.90 -4.21 -4.95
N PHE D 105 23.22 -3.80 -6.00
CA PHE D 105 23.26 -2.41 -6.42
C PHE D 105 22.42 -2.16 -7.65
N GLU D 106 22.21 -0.88 -7.91
CA GLU D 106 21.40 -0.47 -9.03
C GLU D 106 22.30 -0.02 -10.16
N LEU D 107 22.30 -0.80 -11.22
CA LEU D 107 23.17 -0.55 -12.34
C LEU D 107 22.73 0.67 -13.09
N MET D 108 21.46 0.71 -13.44
CA MET D 108 20.95 1.82 -14.23
C MET D 108 19.52 2.14 -13.97
N SER D 109 19.18 3.34 -14.39
CA SER D 109 17.85 3.79 -14.27
C SER D 109 17.54 4.53 -15.55
N TYR D 110 16.27 4.51 -15.90
CA TYR D 110 15.83 5.10 -17.15
C TYR D 110 14.37 5.44 -17.15
N ARG D 111 13.97 6.16 -18.18
CA ARG D 111 12.58 6.47 -18.46
C ARG D 111 12.20 6.07 -19.88
N LEU D 112 10.92 5.81 -20.06
CA LEU D 112 10.34 5.60 -21.37
C LEU D 112 9.19 6.50 -21.32
N ASN D 113 9.18 7.48 -22.20
CA ASN D 113 8.17 8.48 -22.08
C ASN D 113 7.32 8.58 -23.29
N THR D 114 7.23 7.52 -24.08
CA THR D 114 6.27 7.65 -25.13
C THR D 114 5.44 6.42 -25.49
N HIS D 115 4.16 6.70 -25.72
CA HIS D 115 3.21 5.74 -26.27
C HIS D 115 2.59 4.74 -25.36
N VAL D 116 2.78 4.84 -24.06
CA VAL D 116 2.21 3.80 -23.20
C VAL D 116 0.69 3.95 -23.07
N LYS D 117 -0.03 2.85 -22.99
CA LYS D 117 -1.44 2.88 -22.70
C LYS D 117 -1.55 2.34 -21.29
N PRO D 118 -2.48 2.85 -20.52
CA PRO D 118 -2.61 2.38 -19.14
C PRO D 118 -2.89 0.93 -19.04
N LEU D 119 -2.18 0.29 -18.15
CA LEU D 119 -2.34 -1.12 -17.89
C LEU D 119 -3.68 -1.44 -17.32
N ILE D 120 -4.07 -0.63 -16.36
CA ILE D 120 -5.30 -0.84 -15.63
C ILE D 120 -6.10 0.41 -15.70
N TRP D 121 -7.32 0.27 -16.16
CA TRP D 121 -8.15 1.42 -16.41
C TRP D 121 -9.29 1.38 -15.47
N ILE D 122 -9.51 2.49 -14.78
CA ILE D 122 -10.66 2.64 -13.85
C ILE D 122 -11.67 3.68 -14.32
N GLU D 123 -12.89 3.21 -14.43
CA GLU D 123 -14.06 3.99 -14.77
C GLU D 123 -14.99 4.02 -13.53
N SER D 124 -15.36 5.23 -13.12
CA SER D 124 -16.14 5.39 -11.92
C SER D 124 -17.30 6.31 -12.14
N VAL D 125 -18.50 5.82 -11.83
CA VAL D 125 -19.69 6.66 -11.88
C VAL D 125 -20.49 6.70 -10.61
N ILE D 126 -21.11 7.84 -10.40
CA ILE D 126 -21.87 8.12 -9.17
C ILE D 126 -23.35 8.34 -9.45
N GLU D 127 -24.18 7.40 -9.05
CA GLU D 127 -25.64 7.58 -9.21
C GLU D 127 -26.40 7.66 -7.89
N LYS D 128 -27.15 8.72 -7.71
CA LYS D 128 -27.76 9.03 -6.41
C LYS D 128 -29.26 8.90 -6.43
N HIS D 129 -29.80 8.49 -5.28
CA HIS D 129 -31.22 8.19 -5.17
C HIS D 129 -31.95 9.07 -4.17
N SER D 130 -31.63 8.90 -2.89
CA SER D 130 -32.39 9.50 -1.79
C SER D 130 -31.65 10.65 -1.11
N HIS D 131 -30.63 11.18 -1.78
CA HIS D 131 -29.88 12.31 -1.24
C HIS D 131 -29.05 11.87 -0.07
N SER D 132 -29.66 11.29 0.94
CA SER D 132 -28.86 10.63 1.98
C SER D 132 -28.03 9.53 1.35
N ARG D 133 -28.63 8.79 0.43
CA ARG D 133 -28.00 7.63 -0.14
C ARG D 133 -27.48 7.84 -1.54
N ILE D 134 -26.16 7.65 -1.65
CA ILE D 134 -25.41 7.76 -2.91
C ILE D 134 -24.73 6.45 -3.34
N GLU D 135 -24.75 6.19 -4.64
CA GLU D 135 -24.09 5.00 -5.18
C GLU D 135 -22.93 5.27 -6.14
N TYR D 136 -21.88 4.48 -5.91
CA TYR D 136 -20.69 4.44 -6.73
C TYR D 136 -20.65 3.11 -7.51
N MET D 137 -20.64 3.25 -8.82
CA MET D 137 -20.39 2.12 -9.67
C MET D 137 -18.99 2.28 -10.25
N VAL D 138 -18.14 1.28 -10.03
CA VAL D 138 -16.84 1.33 -10.62
C VAL D 138 -16.41 0.09 -11.39
N LYS D 139 -15.78 0.35 -12.52
CA LYS D 139 -15.24 -0.65 -13.42
C LYS D 139 -13.74 -0.64 -13.36
N ALA D 140 -13.17 -1.83 -13.24
CA ALA D 140 -11.74 -2.00 -13.36
C ALA D 140 -11.43 -2.90 -14.55
N LYS D 141 -10.62 -2.40 -15.47
CA LYS D 141 -10.27 -3.11 -16.69
C LYS D 141 -8.76 -3.29 -16.90
N SER D 142 -8.32 -4.55 -17.03
CA SER D 142 -6.93 -4.86 -17.27
C SER D 142 -6.71 -4.84 -18.76
N GLN D 143 -5.85 -3.94 -19.18
CA GLN D 143 -5.51 -3.77 -20.57
C GLN D 143 -4.23 -4.44 -20.98
N PHE D 144 -3.61 -5.17 -20.07
CA PHE D 144 -2.39 -5.88 -20.42
C PHE D 144 -2.73 -7.28 -20.91
N LYS D 145 -1.74 -7.91 -21.55
CA LYS D 145 -1.89 -9.21 -22.21
C LYS D 145 -2.59 -10.23 -21.34
N ARG D 146 -3.52 -10.93 -21.95
CA ARG D 146 -4.26 -11.98 -21.26
C ARG D 146 -3.36 -12.96 -20.54
N ARG D 147 -2.20 -13.27 -21.11
CA ARG D 147 -1.37 -14.32 -20.52
CA ARG D 147 -1.35 -14.31 -20.54
C ARG D 147 -0.67 -13.84 -19.24
N SER D 148 -0.69 -12.53 -19.01
CA SER D 148 -0.21 -11.91 -17.78
C SER D 148 -1.27 -11.60 -16.67
N THR D 149 -0.79 -11.53 -15.42
CA THR D 149 -1.63 -11.31 -14.24
C THR D 149 -1.03 -10.32 -13.23
N ALA D 150 -1.79 -9.27 -12.89
CA ALA D 150 -1.40 -8.38 -11.81
C ALA D 150 -1.72 -9.08 -10.51
N ASN D 151 -0.98 -8.76 -9.48
CA ASN D 151 -1.39 -9.21 -8.17
C ASN D 151 -1.32 -8.10 -7.18
N ASN D 152 -2.08 -8.34 -6.12
CA ASN D 152 -2.28 -7.42 -5.03
C ASN D 152 -2.57 -6.06 -5.54
N VAL D 153 -3.61 -6.00 -6.34
CA VAL D 153 -4.06 -4.73 -6.86
C VAL D 153 -5.02 -4.12 -5.84
N GLU D 154 -4.85 -2.83 -5.64
CA GLU D 154 -5.69 -2.08 -4.73
C GLU D 154 -6.13 -0.83 -5.39
N ILE D 155 -7.43 -0.65 -5.42
CA ILE D 155 -8.00 0.54 -6.02
C ILE D 155 -8.57 1.43 -4.95
N HIS D 156 -7.91 2.55 -4.78
CA HIS D 156 -8.31 3.51 -3.77
C HIS D 156 -9.26 4.49 -4.37
N ILE D 157 -10.51 4.47 -3.88
CA ILE D 157 -11.57 5.40 -4.32
C ILE D 157 -11.98 6.38 -3.22
N PRO D 158 -11.71 7.67 -3.44
CA PRO D 158 -12.11 8.65 -2.44
C PRO D 158 -13.60 8.84 -2.37
N VAL D 159 -14.09 8.92 -1.14
CA VAL D 159 -15.47 9.26 -0.85
C VAL D 159 -15.46 10.58 -0.09
N PRO D 160 -16.60 11.27 -0.03
CA PRO D 160 -16.72 12.44 0.85
C PRO D 160 -16.57 12.07 2.31
N ASN D 161 -16.00 12.99 3.05
CA ASN D 161 -15.61 12.76 4.44
C ASN D 161 -16.82 12.49 5.30
N ASP D 162 -17.85 13.30 5.11
CA ASP D 162 -19.04 13.13 5.92
C ASP D 162 -20.03 12.23 5.20
N ALA D 163 -19.67 10.95 5.13
CA ALA D 163 -20.51 9.93 4.58
C ALA D 163 -20.34 8.74 5.49
N ASP D 164 -21.22 7.75 5.42
CA ASP D 164 -20.99 6.60 6.28
C ASP D 164 -21.77 5.35 5.96
N SER D 165 -21.26 4.23 6.48
CA SER D 165 -21.95 2.96 6.48
C SER D 165 -22.29 2.48 5.08
N PRO D 166 -21.33 2.54 4.19
CA PRO D 166 -21.51 2.12 2.83
C PRO D 166 -21.66 0.63 2.76
N LYS D 167 -22.36 0.15 1.76
CA LYS D 167 -22.47 -1.27 1.55
C LYS D 167 -22.00 -1.59 0.15
N PHE D 168 -21.42 -2.77 -0.02
CA PHE D 168 -20.70 -3.03 -1.25
C PHE D 168 -21.13 -4.32 -1.91
N LYS D 169 -20.98 -4.37 -3.22
CA LYS D 169 -21.15 -5.61 -3.96
C LYS D 169 -20.18 -5.67 -5.11
N THR D 170 -19.38 -6.72 -5.14
CA THR D 170 -18.42 -6.93 -6.22
C THR D 170 -18.43 -8.31 -6.80
N THR D 171 -18.25 -8.34 -8.12
CA THR D 171 -18.04 -9.57 -8.87
C THR D 171 -16.81 -10.27 -8.25
N VAL D 172 -15.70 -9.56 -8.23
CA VAL D 172 -14.40 -10.10 -7.80
C VAL D 172 -13.74 -9.28 -6.70
N GLY D 173 -12.95 -9.95 -5.88
CA GLY D 173 -12.16 -9.27 -4.86
C GLY D 173 -13.00 -8.76 -3.71
N SER D 174 -12.52 -7.76 -3.00
CA SER D 174 -13.19 -7.30 -1.78
C SER D 174 -13.00 -5.83 -1.49
N VAL D 175 -13.96 -5.26 -0.76
CA VAL D 175 -13.91 -3.83 -0.44
C VAL D 175 -13.88 -3.53 1.03
N LYS D 176 -13.14 -2.48 1.38
CA LYS D 176 -13.04 -1.95 2.73
C LYS D 176 -13.26 -0.47 2.73
N TRP D 177 -13.72 0.03 3.88
CA TRP D 177 -13.91 1.45 4.09
C TRP D 177 -12.87 1.99 5.02
N VAL D 178 -12.31 3.13 4.63
CA VAL D 178 -11.23 3.75 5.36
C VAL D 178 -11.62 5.18 5.58
N PRO D 179 -12.35 5.42 6.68
CA PRO D 179 -12.81 6.76 7.03
C PRO D 179 -11.66 7.69 7.29
N GLU D 180 -10.63 7.20 7.98
CA GLU D 180 -9.48 8.06 8.30
C GLU D 180 -8.97 8.70 7.03
N ASN D 181 -8.74 7.90 5.99
CA ASN D 181 -8.34 8.43 4.67
C ASN D 181 -9.52 8.86 3.82
N SER D 182 -10.72 8.66 4.34
CA SER D 182 -11.93 9.16 3.73
C SER D 182 -12.06 8.59 2.31
N GLU D 183 -11.90 7.27 2.23
CA GLU D 183 -11.90 6.59 0.95
C GLU D 183 -12.36 5.16 1.11
N ILE D 184 -12.69 4.56 -0.02
CA ILE D 184 -12.82 3.11 -0.05
C ILE D 184 -11.76 2.42 -0.96
N VAL D 185 -11.42 1.21 -0.58
CA VAL D 185 -10.33 0.49 -1.20
C VAL D 185 -10.81 -0.88 -1.68
N TRP D 186 -10.71 -1.07 -2.99
CA TRP D 186 -11.08 -2.31 -3.64
C TRP D 186 -9.87 -3.13 -3.93
N SER D 187 -9.81 -4.28 -3.30
CA SER D 187 -8.66 -5.13 -3.38
C SER D 187 -8.95 -6.35 -4.19
N VAL D 188 -7.98 -6.70 -5.02
CA VAL D 188 -8.04 -7.86 -5.95
C VAL D 188 -6.71 -8.58 -5.93
N LYS D 189 -6.66 -9.69 -5.22
CA LYS D 189 -5.40 -10.40 -5.00
C LYS D 189 -4.73 -10.75 -6.34
N SER D 190 -5.53 -11.08 -7.35
CA SER D 190 -5.05 -11.57 -8.62
C SER D 190 -5.96 -11.19 -9.77
N PHE D 191 -5.40 -10.44 -10.69
CA PHE D 191 -6.15 -9.76 -11.76
C PHE D 191 -5.52 -10.06 -13.13
N PRO D 192 -6.03 -11.05 -13.85
CA PRO D 192 -5.59 -11.37 -15.19
C PRO D 192 -5.81 -10.24 -16.15
N GLY D 193 -5.01 -10.28 -17.21
CA GLY D 193 -5.09 -9.30 -18.25
C GLY D 193 -6.34 -9.57 -19.07
N GLY D 194 -6.79 -8.53 -19.78
CA GLY D 194 -7.96 -8.61 -20.64
C GLY D 194 -9.22 -8.92 -19.88
N LYS D 195 -9.36 -8.36 -18.68
CA LYS D 195 -10.56 -8.55 -17.86
C LYS D 195 -11.26 -7.25 -17.54
N GLU D 196 -12.54 -7.37 -17.23
CA GLU D 196 -13.33 -6.28 -16.72
C GLU D 196 -14.07 -6.75 -15.51
N TYR D 197 -13.92 -6.00 -14.43
CA TYR D 197 -14.52 -6.35 -13.20
C TYR D 197 -15.31 -5.15 -12.73
N LEU D 198 -16.39 -5.42 -12.03
CA LEU D 198 -17.29 -4.37 -11.56
C LEU D 198 -17.49 -4.43 -10.05
N MET D 199 -17.42 -3.27 -9.44
CA MET D 199 -17.78 -3.14 -8.05
C MET D 199 -18.78 -2.02 -7.91
N ARG D 200 -19.73 -2.26 -7.01
CA ARG D 200 -20.74 -1.28 -6.64
C ARG D 200 -20.75 -1.05 -5.15
N ALA D 201 -20.87 0.22 -4.82
CA ALA D 201 -20.90 0.65 -3.43
C ALA D 201 -21.89 1.77 -3.24
N HIS D 202 -22.58 1.77 -2.12
CA HIS D 202 -23.32 2.96 -1.72
C HIS D 202 -23.29 3.03 -0.25
N PHE D 203 -23.70 4.16 0.28
CA PHE D 203 -23.55 4.36 1.71
C PHE D 203 -24.33 5.59 2.06
N GLY D 204 -24.35 5.89 3.35
CA GLY D 204 -25.01 7.07 3.85
C GLY D 204 -24.29 8.36 3.52
N LEU D 205 -25.03 9.35 3.05
CA LEU D 205 -24.46 10.65 2.81
C LEU D 205 -25.47 11.72 2.40
N PRO D 206 -25.29 12.95 2.89
CA PRO D 206 -26.13 14.07 2.49
C PRO D 206 -25.66 14.72 1.19
N LYS D 216 -10.96 17.31 -4.65
CA LYS D 216 -11.10 15.92 -4.25
C LYS D 216 -9.96 15.10 -4.86
N PRO D 217 -9.41 14.15 -4.09
CA PRO D 217 -8.28 13.38 -4.58
C PRO D 217 -8.63 12.50 -5.78
N PRO D 218 -7.62 11.98 -6.49
CA PRO D 218 -7.94 11.09 -7.57
C PRO D 218 -8.03 9.68 -7.08
N ILE D 219 -8.66 8.84 -7.89
CA ILE D 219 -8.58 7.41 -7.73
C ILE D 219 -7.12 7.04 -7.97
N SER D 220 -6.60 6.15 -7.14
CA SER D 220 -5.28 5.66 -7.35
C SER D 220 -5.28 4.17 -7.23
N VAL D 221 -4.32 3.53 -7.92
CA VAL D 221 -4.23 2.09 -7.89
C VAL D 221 -2.82 1.55 -7.67
N LYS D 222 -2.77 0.49 -6.87
CA LYS D 222 -1.54 -0.21 -6.65
C LYS D 222 -1.60 -1.57 -7.28
N PHE D 223 -0.46 -2.03 -7.79
CA PHE D 223 -0.40 -3.33 -8.39
C PHE D 223 1.04 -3.73 -8.68
N GLU D 224 1.17 -5.01 -8.97
CA GLU D 224 2.43 -5.57 -9.37
C GLU D 224 2.16 -6.65 -10.40
N ILE D 225 2.90 -6.62 -11.50
CA ILE D 225 2.80 -7.69 -12.51
C ILE D 225 4.16 -8.34 -12.72
N PRO D 226 4.33 -9.55 -12.24
CA PRO D 226 5.62 -10.16 -12.48
C PRO D 226 5.68 -10.73 -13.90
N TYR D 227 6.87 -11.09 -14.36
CA TYR D 227 7.05 -11.72 -15.67
C TYR D 227 6.54 -10.86 -16.76
N PHE D 228 6.96 -9.62 -16.73
CA PHE D 228 6.27 -8.66 -17.54
C PHE D 228 6.94 -7.34 -17.53
N THR D 229 7.02 -6.76 -18.71
CA THR D 229 7.37 -5.36 -18.80
C THR D 229 6.42 -4.74 -19.76
N THR D 230 6.27 -3.46 -19.59
CA THR D 230 5.41 -2.67 -20.41
C THR D 230 6.18 -2.19 -21.61
N SER D 231 7.41 -1.76 -21.35
CA SER D 231 8.26 -1.18 -22.36
C SER D 231 8.72 -2.19 -23.41
N GLY D 232 8.81 -3.46 -23.02
CA GLY D 232 9.38 -4.50 -23.89
C GLY D 232 10.92 -4.53 -23.91
N ILE D 233 11.49 -3.96 -22.88
CA ILE D 233 12.92 -3.97 -22.68
C ILE D 233 13.34 -5.42 -22.51
N GLN D 234 14.49 -5.72 -23.10
CA GLN D 234 15.06 -7.05 -23.11
C GLN D 234 16.46 -6.93 -22.63
N VAL D 235 16.85 -7.86 -21.78
CA VAL D 235 18.26 -8.03 -21.56
C VAL D 235 18.67 -9.17 -22.46
N ARG D 236 19.31 -8.79 -23.55
CA ARG D 236 19.63 -9.70 -24.64
C ARG D 236 20.72 -10.65 -24.24
N TYR D 237 21.72 -10.10 -23.59
CA TYR D 237 22.77 -10.90 -23.00
C TYR D 237 23.47 -10.14 -21.92
N LEU D 238 24.07 -10.92 -21.00
CA LEU D 238 25.08 -10.39 -20.13
C LEU D 238 26.38 -11.19 -20.25
N LYS D 239 27.38 -10.52 -20.79
CA LYS D 239 28.69 -11.09 -20.98
C LYS D 239 29.56 -10.87 -19.73
N ILE D 240 30.23 -11.96 -19.33
CA ILE D 240 31.13 -11.98 -18.18
C ILE D 240 32.53 -12.49 -18.58
N ILE D 241 33.51 -11.59 -18.53
CA ILE D 241 34.86 -11.87 -18.97
C ILE D 241 35.77 -11.81 -17.76
N GLU D 242 36.05 -12.97 -17.17
CA GLU D 242 37.12 -13.04 -16.17
C GLU D 242 38.28 -13.87 -16.70
N LYS D 243 39.46 -13.46 -16.24
CA LYS D 243 40.76 -14.00 -16.71
C LYS D 243 40.90 -15.50 -16.51
N SER D 244 40.52 -15.98 -15.33
CA SER D 244 40.39 -17.43 -15.06
C SER D 244 39.31 -18.05 -15.92
N GLY D 245 39.22 -19.37 -15.85
CA GLY D 245 38.18 -20.13 -16.57
C GLY D 245 36.78 -19.99 -15.99
N TYR D 246 36.13 -18.92 -16.32
CA TYR D 246 34.88 -18.62 -15.66
C TYR D 246 33.64 -19.33 -16.17
N GLN D 247 33.10 -20.25 -15.38
CA GLN D 247 31.70 -20.64 -15.53
C GLN D 247 30.88 -19.68 -14.71
N ALA D 248 30.31 -18.71 -15.39
CA ALA D 248 29.43 -17.73 -14.75
C ALA D 248 28.04 -17.77 -15.38
N LEU D 249 27.00 -17.68 -14.53
CA LEU D 249 25.60 -17.67 -15.03
C LEU D 249 24.91 -16.37 -14.70
N PRO D 250 24.33 -15.71 -15.71
CA PRO D 250 23.46 -14.57 -15.46
C PRO D 250 21.98 -14.98 -15.46
N TRP D 251 21.24 -14.39 -14.53
CA TRP D 251 19.82 -14.67 -14.37
C TRP D 251 19.05 -13.41 -14.42
N VAL D 252 17.88 -13.47 -15.01
CA VAL D 252 17.14 -12.26 -15.20
C VAL D 252 15.66 -12.40 -14.96
N ARG D 253 15.07 -11.36 -14.40
CA ARG D 253 13.64 -11.29 -14.35
C ARG D 253 13.15 -9.89 -14.53
N TYR D 254 11.88 -9.80 -14.88
CA TYR D 254 11.21 -8.54 -15.19
C TYR D 254 9.92 -8.36 -14.36
N ILE D 255 9.89 -7.29 -13.59
CA ILE D 255 8.73 -6.97 -12.77
C ILE D 255 8.20 -5.60 -13.11
N THR D 256 6.90 -5.52 -13.36
CA THR D 256 6.27 -4.23 -13.46
C THR D 256 5.43 -3.95 -12.25
N GLN D 257 5.33 -2.69 -11.90
CA GLN D 257 4.51 -2.27 -10.78
C GLN D 257 4.09 -0.82 -10.87
N ASN D 258 3.22 -0.40 -9.94
CA ASN D 258 2.66 0.94 -10.05
C ASN D 258 3.70 1.97 -9.70
N GLY D 259 3.73 3.09 -10.43
CA GLY D 259 4.42 4.32 -9.95
C GLY D 259 3.36 5.16 -9.24
N ASP D 260 3.18 6.40 -9.68
CA ASP D 260 2.04 7.18 -9.24
C ASP D 260 1.01 6.94 -10.28
N TYR D 261 0.04 6.12 -9.95
CA TYR D 261 -0.94 5.68 -10.90
C TYR D 261 -2.30 6.27 -10.47
N GLN D 262 -2.64 7.42 -11.06
CA GLN D 262 -3.80 8.20 -10.64
C GLN D 262 -4.80 8.57 -11.70
N LEU D 263 -6.07 8.29 -11.42
CA LEU D 263 -7.15 8.71 -12.28
C LEU D 263 -7.96 9.79 -11.58
N ARG D 264 -8.08 10.94 -12.22
CA ARG D 264 -8.89 12.02 -11.64
C ARG D 264 -10.39 11.87 -11.80
N THR D 265 -11.11 12.35 -10.80
CA THR D 265 -12.59 12.44 -10.82
C THR D 265 -13.05 13.89 -10.67
N GLN D 266 -12.33 14.65 -9.85
CA GLN D 266 -12.41 16.11 -9.81
C GLN D 266 -12.77 16.66 -11.19
N SER E 6 1.07 16.97 29.38
CA SER E 6 0.04 18.04 29.48
C SER E 6 -1.37 17.48 29.58
N TYR E 7 -2.10 18.00 30.55
CA TYR E 7 -3.37 17.48 30.98
C TYR E 7 -4.50 18.27 30.42
N SER E 8 -5.64 17.62 30.32
CA SER E 8 -6.86 18.26 29.93
C SER E 8 -7.69 18.36 31.17
N GLN E 9 -8.43 19.46 31.32
CA GLN E 9 -9.32 19.60 32.45
C GLN E 9 -10.53 18.74 32.28
N ALA E 10 -10.93 18.11 33.36
CA ALA E 10 -12.06 17.18 33.38
C ALA E 10 -13.26 17.77 34.12
N ALA E 11 -14.41 17.16 33.87
CA ALA E 11 -15.64 17.59 34.48
C ALA E 11 -15.69 17.16 35.94
N GLY E 12 -16.45 17.95 36.71
CA GLY E 12 -16.60 17.78 38.15
C GLY E 12 -17.85 17.04 38.58
N SER E 13 -18.73 16.71 37.63
CA SER E 13 -19.85 15.79 37.86
C SER E 13 -20.55 15.28 36.58
N ASP E 14 -21.44 14.30 36.75
CA ASP E 14 -22.19 13.72 35.63
C ASP E 14 -23.38 14.62 35.34
N SER E 15 -23.06 15.81 34.86
CA SER E 15 -24.09 16.76 34.46
C SER E 15 -25.17 16.05 33.66
N ALA E 16 -24.73 15.09 32.83
CA ALA E 16 -25.61 14.36 31.91
C ALA E 16 -26.41 13.24 32.55
N GLN E 17 -26.34 13.13 33.89
CA GLN E 17 -26.96 12.01 34.64
C GLN E 17 -26.28 11.79 36.00
N ASP F 1 10.66 -21.88 -6.45
CA ASP F 1 9.96 -20.62 -6.81
C ASP F 1 10.48 -19.39 -6.07
N ARG F 2 9.82 -18.24 -6.22
CA ARG F 2 10.44 -16.92 -5.93
C ARG F 2 9.48 -15.70 -5.83
N LYS F 3 9.68 -14.83 -4.85
CA LYS F 3 8.81 -13.62 -4.74
C LYS F 3 9.27 -12.50 -5.68
N GLY F 4 8.36 -12.08 -6.55
CA GLY F 4 8.71 -11.21 -7.69
C GLY F 4 8.92 -11.98 -8.99
N GLY F 5 8.97 -13.30 -8.89
CA GLY F 5 9.02 -14.15 -10.05
C GLY F 5 10.27 -14.98 -10.07
N SER F 6 10.18 -16.13 -10.71
CA SER F 6 11.38 -16.89 -11.06
C SER F 6 12.23 -16.17 -12.12
N TYR F 7 13.54 -16.25 -11.97
CA TYR F 7 14.47 -15.79 -12.97
C TYR F 7 14.67 -16.86 -14.02
N SER F 8 15.00 -16.39 -15.21
CA SER F 8 15.43 -17.26 -16.25
C SER F 8 16.83 -16.89 -16.61
N GLN F 9 17.46 -17.84 -17.28
CA GLN F 9 18.86 -17.73 -17.60
C GLN F 9 19.11 -16.93 -18.84
N ALA F 10 20.15 -16.10 -18.78
CA ALA F 10 20.46 -15.18 -19.88
C ALA F 10 21.69 -15.61 -20.62
N ALA F 11 21.80 -15.07 -21.82
CA ALA F 11 22.87 -15.41 -22.74
C ALA F 11 24.12 -14.64 -22.40
N GLY F 12 25.26 -15.16 -22.87
CA GLY F 12 26.56 -14.61 -22.59
C GLY F 12 27.11 -13.68 -23.66
N SER F 13 26.45 -13.62 -24.82
CA SER F 13 26.85 -12.70 -25.88
C SER F 13 25.79 -12.49 -27.00
N ASP F 14 26.10 -11.57 -27.90
CA ASP F 14 25.28 -11.24 -29.08
C ASP F 14 25.59 -12.24 -30.24
N SER F 15 25.13 -13.47 -30.01
CA SER F 15 25.16 -14.57 -31.00
C SER F 15 24.78 -14.05 -32.38
N ALA F 16 23.80 -13.19 -32.45
CA ALA F 16 23.23 -12.76 -33.72
C ALA F 16 23.99 -11.63 -34.45
N GLN F 17 25.00 -10.99 -33.84
CA GLN F 17 25.90 -10.04 -34.57
C GLN F 17 27.35 -10.46 -34.50
N GLY F 18 27.62 -11.67 -34.00
CA GLY F 18 28.96 -12.28 -34.03
C GLY F 18 29.91 -11.68 -33.01
#